data_4W1W
#
_entry.id   4W1W
#
_cell.length_a   63.000
_cell.length_b   66.000
_cell.length_c   204.000
_cell.angle_alpha   90.000
_cell.angle_beta   90.000
_cell.angle_gamma   90.000
#
_symmetry.space_group_name_H-M   'P 21 21 21'
#
loop_
_entity.id
_entity.type
_entity.pdbx_description
1 polymer 'Adenosylmethionine-8-amino-7-oxononanoate aminotransferase'
2 non-polymer "PYRIDOXAL-5'-PHOSPHATE"
3 non-polymer 7-(diethylamino)-3-(thiophen-2-ylcarbonyl)-2H-chromen-2-one
4 non-polymer 1,2-ETHANEDIOL
5 non-polymer 'CHLORIDE ION'
6 water water
#
_entity_poly.entity_id   1
_entity_poly.type   'polypeptide(L)'
_entity_poly.pdbx_seq_one_letter_code
;LTPEQIIAVDGAHLWHPYSSIGREAVSPVVAVAAHGAWLTLIRDGQPIEVLDAMSSWWTAIHGHGHPALDQALTTQLRVM
NHVMFGGLTHEPAARLAKLLVDITPAGLDTVFFSDSGSVSVEVAAKMALQYWRGRGLPGKRRLMTWRGGYHGDTFLAMSI
CDPHGGMHSLWTDVLAAQVFAPQVPRDYDPAYSAAFEAQLAQHAGELAAVVVEPVVQGAGGMRFHDPRYLHDLRDICRRY
EVLLIFDEIATGFGRTGALFAADHAGVSPDIMCVGKALTGGYLSLAATLCTADVAHTISAGAAGALMHGPTFMANPLACA
VSVASVELLLGQDWRTRITELAAGLTAGLDTARALPAVTDVRVCGAIGVIECDRPVDLAVATPAALDRGVWLRPFRNLVY
AMPPYICTPAEITQITSAMVEVARLVGSL
;
_entity_poly.pdbx_strand_id   A,B
#
# COMPACT_ATOMS: atom_id res chain seq x y z
N LEU A 1 1.96 22.15 -16.80
CA LEU A 1 1.67 23.18 -15.78
C LEU A 1 2.95 23.91 -15.36
N THR A 2 2.83 25.22 -15.15
CA THR A 2 3.93 26.01 -14.59
C THR A 2 3.99 25.78 -13.08
N PRO A 3 5.13 26.13 -12.45
CA PRO A 3 5.25 25.99 -11.00
C PRO A 3 4.11 26.69 -10.25
N GLU A 4 3.73 27.89 -10.69
CA GLU A 4 2.62 28.61 -10.05
C GLU A 4 1.26 27.94 -10.30
N GLN A 5 1.07 27.32 -11.46
CA GLN A 5 -0.16 26.56 -11.71
C GLN A 5 -0.21 25.29 -10.85
N ILE A 6 0.95 24.68 -10.62
CA ILE A 6 1.04 23.48 -9.80
C ILE A 6 0.67 23.83 -8.38
N ILE A 7 1.22 24.94 -7.89
CA ILE A 7 0.93 25.44 -6.55
C ILE A 7 -0.56 25.72 -6.37
N ALA A 8 -1.17 26.37 -7.37
CA ALA A 8 -2.61 26.67 -7.34
C ALA A 8 -3.44 25.39 -7.23
N VAL A 9 -3.17 24.42 -8.11
CA VAL A 9 -3.87 23.15 -8.10
C VAL A 9 -3.68 22.43 -6.76
N ASP A 10 -2.43 22.40 -6.31
CA ASP A 10 -2.05 21.74 -5.06
C ASP A 10 -2.80 22.30 -3.86
N GLY A 11 -2.83 23.64 -3.74
CA GLY A 11 -3.47 24.30 -2.60
C GLY A 11 -4.96 24.02 -2.55
N ALA A 12 -5.58 23.89 -3.72
CA ALA A 12 -7.00 23.63 -3.81
C ALA A 12 -7.37 22.13 -3.66
N HIS A 13 -6.52 21.23 -4.15
CA HIS A 13 -6.96 19.84 -4.36
C HIS A 13 -6.15 18.74 -3.74
N LEU A 14 -4.94 19.04 -3.29
CA LEU A 14 -4.03 17.99 -2.83
C LEU A 14 -3.83 17.94 -1.32
N TRP A 15 -4.15 16.81 -0.70
CA TRP A 15 -3.71 16.56 0.66
C TRP A 15 -2.26 16.18 0.65
N HIS A 16 -1.53 16.60 1.68
CA HIS A 16 -0.14 16.17 1.90
C HIS A 16 -0.07 15.34 3.15
N PRO A 17 1.10 14.72 3.44
CA PRO A 17 1.19 13.90 4.65
C PRO A 17 0.89 14.73 5.90
N TYR A 18 0.00 14.23 6.76
CA TYR A 18 -0.32 14.89 8.01
C TYR A 18 -0.56 16.39 7.84
N SER A 19 -1.36 16.73 6.85
CA SER A 19 -1.58 18.13 6.50
C SER A 19 -3.05 18.49 6.53
N SER A 20 -3.32 19.79 6.40
CA SER A 20 -4.65 20.30 6.25
C SER A 20 -4.94 20.52 4.78
N ILE A 21 -6.17 20.89 4.47
CA ILE A 21 -6.49 21.56 3.22
C ILE A 21 -6.84 22.98 3.62
N GLY A 22 -6.15 23.97 3.06
CA GLY A 22 -6.50 25.39 3.28
C GLY A 22 -5.89 26.07 4.48
N ARG A 23 -5.23 25.30 5.35
CA ARG A 23 -4.65 25.84 6.58
C ARG A 23 -3.13 25.66 6.70
N GLU A 24 -2.47 25.43 5.57
CA GLU A 24 -1.02 25.23 5.56
C GLU A 24 -0.28 26.54 5.84
N ALA A 25 0.63 26.51 6.81
CA ALA A 25 1.44 27.67 7.17
C ALA A 25 2.39 28.06 6.03
N VAL A 26 2.83 27.05 5.26
CA VAL A 26 3.69 27.27 4.10
C VAL A 26 3.21 26.42 2.92
N SER A 27 3.31 26.97 1.71
CA SER A 27 3.09 26.20 0.49
C SER A 27 4.18 25.14 0.36
N PRO A 28 3.85 23.98 -0.22
CA PRO A 28 4.93 23.04 -0.53
C PRO A 28 5.82 23.64 -1.59
N VAL A 29 7.07 23.22 -1.65
CA VAL A 29 8.00 23.69 -2.69
C VAL A 29 7.84 22.78 -3.92
N VAL A 30 7.79 23.37 -5.13
CA VAL A 30 7.67 22.57 -6.36
C VAL A 30 8.99 21.89 -6.74
N ALA A 31 8.94 20.56 -6.92
CA ALA A 31 10.08 19.79 -7.38
C ALA A 31 9.90 19.45 -8.86
N VAL A 32 10.91 19.71 -9.68
CA VAL A 32 10.77 19.53 -11.13
C VAL A 32 11.72 18.50 -11.68
N ALA A 33 12.70 18.08 -10.87
CA ALA A 33 13.68 17.09 -11.29
C ALA A 33 14.41 16.50 -10.10
N ALA A 34 14.95 15.30 -10.31
CA ALA A 34 15.80 14.63 -9.34
C ALA A 34 16.82 13.81 -10.09
N HIS A 35 18.09 14.02 -9.79
CA HIS A 35 19.18 13.30 -10.45
C HIS A 35 20.28 13.09 -9.45
N GLY A 36 20.66 11.83 -9.24
CA GLY A 36 21.68 11.48 -8.25
C GLY A 36 21.24 11.96 -6.87
N ALA A 37 22.16 12.58 -6.12
CA ALA A 37 21.83 13.08 -4.78
C ALA A 37 21.08 14.41 -4.76
N TRP A 38 20.71 14.92 -5.95
CA TRP A 38 20.22 16.29 -6.11
C TRP A 38 18.81 16.42 -6.58
N LEU A 39 18.09 17.37 -5.99
CA LEU A 39 16.75 17.73 -6.42
C LEU A 39 16.78 19.09 -7.11
N THR A 40 15.98 19.27 -8.15
CA THR A 40 15.76 20.60 -8.71
C THR A 40 14.42 21.14 -8.20
N LEU A 41 14.51 22.16 -7.36
CA LEU A 41 13.34 22.78 -6.74
C LEU A 41 13.15 24.20 -7.28
N ILE A 42 11.90 24.67 -7.23
CA ILE A 42 11.58 26.04 -7.66
C ILE A 42 11.55 26.96 -6.45
N ARG A 43 12.35 28.02 -6.51
CA ARG A 43 12.37 29.02 -5.47
C ARG A 43 12.35 30.39 -6.12
N ASP A 44 11.36 31.19 -5.74
CA ASP A 44 11.10 32.51 -6.34
C ASP A 44 11.10 32.44 -7.87
N GLY A 45 10.41 31.43 -8.40
CA GLY A 45 10.26 31.24 -9.83
C GLY A 45 11.51 30.76 -10.54
N GLN A 46 12.56 30.42 -9.78
CA GLN A 46 13.82 29.97 -10.37
C GLN A 46 14.23 28.57 -9.89
N PRO A 47 14.68 27.72 -10.82
CA PRO A 47 15.11 26.37 -10.43
C PRO A 47 16.46 26.38 -9.71
N ILE A 48 16.55 25.69 -8.57
CA ILE A 48 17.80 25.53 -7.83
C ILE A 48 18.08 24.05 -7.54
N GLU A 49 19.36 23.68 -7.58
CA GLU A 49 19.82 22.34 -7.25
C GLU A 49 20.11 22.25 -5.77
N VAL A 50 19.45 21.34 -5.06
CA VAL A 50 19.74 21.13 -3.64
C VAL A 50 19.94 19.64 -3.32
N LEU A 51 20.77 19.36 -2.32
CA LEU A 51 21.00 17.97 -1.93
C LEU A 51 19.77 17.38 -1.22
N ASP A 52 19.42 16.16 -1.60
CA ASP A 52 18.33 15.44 -0.98
C ASP A 52 18.84 14.78 0.30
N ALA A 53 19.02 15.57 1.36
CA ALA A 53 19.56 15.09 2.62
C ALA A 53 18.63 14.10 3.33
N MET A 54 17.35 14.09 2.94
CA MET A 54 16.36 13.20 3.56
C MET A 54 16.23 11.87 2.81
N SER A 55 16.98 11.71 1.73
CA SER A 55 16.79 10.58 0.79
C SER A 55 15.31 10.42 0.41
N SER A 56 14.59 11.54 0.33
CA SER A 56 13.16 11.54 0.01
C SER A 56 12.42 10.59 0.95
N TRP A 57 12.55 10.87 2.24
CA TRP A 57 11.95 10.08 3.31
C TRP A 57 12.50 8.67 3.35
N TRP A 58 13.83 8.58 3.38
CA TRP A 58 14.52 7.29 3.68
CA TRP A 58 14.61 7.37 3.65
C TRP A 58 14.60 6.37 2.50
N THR A 59 14.13 6.79 1.33
CA THR A 59 13.95 5.86 0.21
C THR A 59 15.12 5.79 -0.80
N ALA A 60 15.72 6.95 -1.09
CA ALA A 60 16.62 7.07 -2.24
C ALA A 60 18.06 6.72 -1.89
N ILE A 61 18.28 5.48 -1.46
CA ILE A 61 19.60 5.06 -1.00
C ILE A 61 20.69 5.15 -2.07
N HIS A 62 20.33 4.89 -3.33
CA HIS A 62 21.28 5.00 -4.45
C HIS A 62 21.15 6.31 -5.19
N GLY A 63 20.42 7.27 -4.62
CA GLY A 63 20.12 8.52 -5.31
C GLY A 63 19.08 8.34 -6.40
N HIS A 64 18.71 9.43 -7.06
CA HIS A 64 17.65 9.38 -8.07
C HIS A 64 18.19 9.15 -9.45
N GLY A 65 17.42 8.44 -10.29
CA GLY A 65 17.83 8.22 -11.69
C GLY A 65 19.16 7.52 -11.85
N HIS A 66 19.42 6.53 -10.98
CA HIS A 66 20.59 5.66 -11.13
C HIS A 66 20.44 4.81 -12.37
N PRO A 67 21.47 4.81 -13.26
CA PRO A 67 21.29 4.12 -14.54
C PRO A 67 20.92 2.65 -14.42
N ALA A 68 21.48 1.95 -13.41
CA ALA A 68 21.17 0.54 -13.20
C ALA A 68 19.69 0.33 -12.86
N LEU A 69 19.12 1.26 -12.08
CA LEU A 69 17.75 1.11 -11.62
C LEU A 69 16.78 1.60 -12.70
N ASP A 70 17.11 2.69 -13.39
CA ASP A 70 16.33 3.11 -14.54
C ASP A 70 16.26 1.98 -15.56
N GLN A 71 17.42 1.42 -15.92
CA GLN A 71 17.49 0.35 -16.93
C GLN A 71 16.71 -0.91 -16.51
N ALA A 72 16.76 -1.25 -15.23
CA ALA A 72 16.02 -2.40 -14.68
C ALA A 72 14.52 -2.20 -14.91
N LEU A 73 14.05 -1.00 -14.62
CA LEU A 73 12.66 -0.63 -14.86
CA LEU A 73 12.66 -0.64 -14.85
C LEU A 73 12.28 -0.75 -16.35
N THR A 74 13.04 -0.09 -17.21
CA THR A 74 12.71 -0.10 -18.64
C THR A 74 12.82 -1.49 -19.27
N THR A 75 13.75 -2.30 -18.81
CA THR A 75 13.88 -3.67 -19.31
C THR A 75 12.66 -4.50 -18.94
N GLN A 76 12.25 -4.43 -17.67
CA GLN A 76 11.03 -5.12 -17.25
C GLN A 76 9.79 -4.58 -17.96
N LEU A 77 9.74 -3.27 -18.16
CA LEU A 77 8.60 -2.65 -18.84
C LEU A 77 8.40 -3.24 -20.24
N ARG A 78 9.50 -3.53 -20.92
CA ARG A 78 9.50 -4.07 -22.27
C ARG A 78 8.88 -5.48 -22.37
N VAL A 79 8.92 -6.26 -21.28
N VAL A 79 8.89 -6.21 -21.25
CA VAL A 79 8.38 -7.62 -21.32
CA VAL A 79 8.49 -7.62 -21.21
C VAL A 79 7.03 -7.79 -20.63
C VAL A 79 7.11 -7.83 -20.60
N MET A 80 6.90 -7.29 -19.40
CA MET A 80 5.68 -7.53 -18.61
C MET A 80 5.56 -6.49 -17.51
N ASN A 81 4.60 -5.59 -17.65
CA ASN A 81 4.35 -4.57 -16.64
C ASN A 81 3.82 -5.13 -15.32
N HIS A 82 2.82 -6.00 -15.44
CA HIS A 82 2.14 -6.58 -14.31
C HIS A 82 1.26 -7.71 -14.75
N VAL A 83 1.21 -8.77 -13.94
CA VAL A 83 0.16 -9.79 -14.02
C VAL A 83 -0.33 -10.03 -12.60
N MET A 84 -1.54 -10.58 -12.45
CA MET A 84 -2.08 -10.90 -11.12
C MET A 84 -1.31 -12.06 -10.50
N PHE A 85 -1.04 -11.97 -9.20
CA PHE A 85 -0.25 -12.98 -8.51
C PHE A 85 -1.16 -14.13 -8.03
N GLY A 86 -2.45 -14.03 -8.31
CA GLY A 86 -3.36 -15.13 -7.99
C GLY A 86 -3.33 -16.16 -9.12
N GLY A 87 -2.63 -17.26 -8.90
CA GLY A 87 -2.56 -18.34 -9.89
C GLY A 87 -1.37 -18.26 -10.83
N LEU A 88 -0.65 -17.13 -10.80
CA LEU A 88 0.51 -16.93 -11.63
C LEU A 88 1.71 -16.57 -10.77
N THR A 89 2.89 -16.89 -11.28
CA THR A 89 4.14 -16.45 -10.66
C THR A 89 5.02 -15.89 -11.76
N HIS A 90 6.14 -15.28 -11.39
CA HIS A 90 7.03 -14.69 -12.38
C HIS A 90 8.44 -14.53 -11.89
N GLU A 91 9.35 -14.24 -12.82
CA GLU A 91 10.77 -14.16 -12.53
C GLU A 91 11.15 -13.03 -11.55
N PRO A 92 10.60 -11.82 -11.73
CA PRO A 92 10.96 -10.78 -10.75
C PRO A 92 10.61 -11.12 -9.31
N ALA A 93 9.42 -11.67 -9.07
CA ALA A 93 9.03 -12.10 -7.70
C ALA A 93 9.98 -13.17 -7.15
N ALA A 94 10.27 -14.17 -7.99
CA ALA A 94 11.14 -15.27 -7.58
C ALA A 94 12.56 -14.78 -7.31
N ARG A 95 13.08 -13.92 -8.16
CA ARG A 95 14.45 -13.40 -7.97
C ARG A 95 14.56 -12.60 -6.68
N LEU A 96 13.60 -11.73 -6.44
CA LEU A 96 13.62 -10.89 -5.24
C LEU A 96 13.41 -11.71 -3.98
N ALA A 97 12.46 -12.65 -4.01
CA ALA A 97 12.23 -13.54 -2.87
C ALA A 97 13.49 -14.32 -2.52
N LYS A 98 14.17 -14.84 -3.55
CA LYS A 98 15.42 -15.58 -3.37
C LYS A 98 16.49 -14.71 -2.67
N LEU A 99 16.71 -13.51 -3.23
CA LEU A 99 17.64 -12.54 -2.64
C LEU A 99 17.29 -12.22 -1.18
N LEU A 100 16.03 -11.87 -0.94
CA LEU A 100 15.60 -11.44 0.39
C LEU A 100 15.76 -12.50 1.45
N VAL A 101 15.45 -13.76 1.14
N VAL A 101 15.44 -13.75 1.11
CA VAL A 101 15.60 -14.84 2.11
CA VAL A 101 15.60 -14.86 2.04
C VAL A 101 17.08 -15.13 2.39
C VAL A 101 17.07 -15.07 2.39
N ASP A 102 17.94 -14.86 1.41
CA ASP A 102 19.38 -15.09 1.56
CA ASP A 102 19.37 -15.08 1.57
C ASP A 102 20.06 -14.05 2.44
N ILE A 103 19.61 -12.80 2.37
CA ILE A 103 20.30 -11.69 3.04
C ILE A 103 19.71 -11.23 4.37
N THR A 104 18.47 -11.63 4.65
CA THR A 104 17.82 -11.23 5.89
C THR A 104 18.32 -12.15 7.01
N PRO A 105 18.05 -11.80 8.29
CA PRO A 105 18.47 -12.70 9.38
C PRO A 105 18.03 -14.14 9.15
N ALA A 106 18.85 -15.08 9.64
CA ALA A 106 18.68 -16.50 9.35
C ALA A 106 17.32 -17.01 9.81
N GLY A 107 16.72 -17.91 9.02
CA GLY A 107 15.44 -18.50 9.38
C GLY A 107 14.24 -17.87 8.69
N LEU A 108 14.43 -16.69 8.10
CA LEU A 108 13.33 -16.01 7.43
C LEU A 108 13.19 -16.53 6.02
N ASP A 109 12.32 -17.51 5.84
CA ASP A 109 12.31 -18.35 4.63
C ASP A 109 11.17 -18.12 3.65
N THR A 110 10.18 -17.33 4.03
CA THR A 110 9.04 -17.07 3.15
C THR A 110 8.79 -15.56 3.05
N VAL A 111 8.24 -15.13 1.92
CA VAL A 111 8.12 -13.71 1.60
C VAL A 111 6.72 -13.39 1.08
N PHE A 112 6.07 -12.45 1.76
CA PHE A 112 4.78 -11.94 1.32
C PHE A 112 4.95 -10.50 0.85
N PHE A 113 4.78 -10.28 -0.44
CA PHE A 113 4.93 -8.93 -1.00
C PHE A 113 3.65 -8.12 -0.85
N SER A 114 3.79 -6.84 -0.51
CA SER A 114 2.67 -5.91 -0.50
C SER A 114 3.08 -4.54 -1.05
N ASP A 115 2.23 -3.54 -0.93
CA ASP A 115 2.51 -2.28 -1.61
C ASP A 115 3.00 -1.16 -0.71
N SER A 116 2.98 -1.36 0.60
CA SER A 116 3.42 -0.32 1.51
C SER A 116 3.79 -0.88 2.86
N GLY A 117 4.61 -0.12 3.59
CA GLY A 117 5.09 -0.52 4.91
C GLY A 117 3.95 -0.80 5.88
N SER A 118 2.97 0.10 5.89
CA SER A 118 1.81 -0.06 6.79
C SER A 118 1.08 -1.37 6.53
N VAL A 119 0.91 -1.72 5.26
CA VAL A 119 0.27 -2.97 4.88
C VAL A 119 1.14 -4.15 5.33
N SER A 120 2.47 -4.04 5.16
CA SER A 120 3.35 -5.16 5.53
C SER A 120 3.31 -5.40 7.06
N VAL A 121 3.14 -4.33 7.83
CA VAL A 121 2.95 -4.45 9.30
C VAL A 121 1.65 -5.17 9.66
N GLU A 122 0.56 -4.84 8.95
CA GLU A 122 -0.72 -5.53 9.14
C GLU A 122 -0.60 -7.01 8.74
N VAL A 123 0.13 -7.28 7.66
CA VAL A 123 0.41 -8.66 7.22
C VAL A 123 1.16 -9.43 8.32
N ALA A 124 2.17 -8.78 8.90
CA ALA A 124 2.94 -9.36 10.01
C ALA A 124 2.05 -9.68 11.20
N ALA A 125 1.19 -8.73 11.57
CA ALA A 125 0.20 -8.94 12.64
C ALA A 125 -0.77 -10.10 12.32
N LYS A 126 -1.25 -10.14 11.08
CA LYS A 126 -2.10 -11.25 10.63
C LYS A 126 -1.39 -12.59 10.73
N MET A 127 -0.14 -12.64 10.27
CA MET A 127 0.67 -13.84 10.39
C MET A 127 0.73 -14.33 11.84
N ALA A 128 0.96 -13.39 12.76
CA ALA A 128 1.09 -13.74 14.16
C ALA A 128 -0.24 -14.25 14.72
N LEU A 129 -1.33 -13.58 14.37
CA LEU A 129 -2.65 -13.96 14.86
C LEU A 129 -3.07 -15.31 14.31
N GLN A 130 -2.88 -15.53 13.00
CA GLN A 130 -3.19 -16.82 12.41
C GLN A 130 -2.27 -17.94 12.91
N TYR A 131 -1.03 -17.59 13.22
CA TYR A 131 -0.11 -18.55 13.82
C TYR A 131 -0.68 -19.14 15.11
N TRP A 132 -1.02 -18.27 16.06
CA TRP A 132 -1.50 -18.73 17.35
C TRP A 132 -2.79 -19.46 17.26
N ARG A 133 -3.67 -19.03 16.36
CA ARG A 133 -4.91 -19.75 16.06
C ARG A 133 -4.63 -21.15 15.51
N GLY A 134 -3.63 -21.27 14.64
CA GLY A 134 -3.14 -22.58 14.20
C GLY A 134 -2.58 -23.45 15.32
N ARG A 135 -2.19 -22.84 16.43
CA ARG A 135 -1.64 -23.57 17.57
C ARG A 135 -2.71 -23.85 18.63
N GLY A 136 -3.96 -23.50 18.33
CA GLY A 136 -5.06 -23.69 19.26
C GLY A 136 -5.08 -22.68 20.41
N LEU A 137 -4.43 -21.53 20.21
CA LEU A 137 -4.36 -20.49 21.25
C LEU A 137 -4.86 -19.13 20.75
N PRO A 138 -6.18 -19.04 20.43
CA PRO A 138 -6.72 -17.80 19.86
C PRO A 138 -6.77 -16.66 20.85
N GLY A 139 -6.54 -16.94 22.13
CA GLY A 139 -6.37 -15.90 23.14
C GLY A 139 -5.16 -15.00 22.88
N LYS A 140 -4.18 -15.52 22.15
CA LYS A 140 -2.94 -14.78 21.88
C LYS A 140 -3.16 -13.88 20.67
N ARG A 141 -3.66 -12.67 20.95
CA ARG A 141 -4.13 -11.78 19.89
C ARG A 141 -3.71 -10.31 20.09
N ARG A 142 -3.08 -10.01 21.21
CA ARG A 142 -2.66 -8.64 21.47
C ARG A 142 -1.20 -8.47 21.05
N LEU A 143 -0.77 -7.23 20.91
CA LEU A 143 0.63 -6.94 20.59
C LEU A 143 1.27 -6.14 21.72
N MET A 144 2.57 -6.32 21.89
CA MET A 144 3.35 -5.57 22.86
C MET A 144 4.50 -4.85 22.17
N THR A 145 4.75 -3.63 22.60
CA THR A 145 5.86 -2.86 22.06
C THR A 145 6.41 -1.94 23.16
N TRP A 146 7.48 -1.21 22.83
CA TRP A 146 7.94 -0.12 23.67
C TRP A 146 7.48 1.21 23.12
N ARG A 147 7.48 2.22 23.95
CA ARG A 147 7.08 3.56 23.52
C ARG A 147 8.12 4.16 22.58
N GLY A 148 7.71 5.20 21.84
CA GLY A 148 8.61 5.94 20.95
C GLY A 148 8.62 5.39 19.54
N GLY A 149 7.78 4.38 19.29
CA GLY A 149 7.78 3.68 18.01
C GLY A 149 6.86 4.27 16.94
N TYR A 150 7.10 3.83 15.70
CA TYR A 150 6.23 4.16 14.58
C TYR A 150 6.18 2.97 13.64
N HIS A 151 4.97 2.58 13.25
CA HIS A 151 4.78 1.40 12.41
C HIS A 151 3.85 1.60 11.24
N GLY A 152 3.53 2.85 10.94
CA GLY A 152 2.65 3.17 9.82
C GLY A 152 1.31 3.72 10.26
N ASP A 153 0.42 3.95 9.29
CA ASP A 153 -0.79 4.76 9.51
C ASP A 153 -2.11 4.02 9.38
N THR A 154 -2.10 2.76 8.93
CA THR A 154 -3.33 1.97 8.92
C THR A 154 -3.71 1.65 10.37
N PHE A 155 -4.96 1.27 10.62
CA PHE A 155 -5.45 1.26 12.01
C PHE A 155 -4.78 0.24 12.94
N LEU A 156 -4.44 -0.96 12.46
CA LEU A 156 -3.67 -1.88 13.31
C LEU A 156 -2.26 -1.34 13.52
N ALA A 157 -1.62 -0.90 12.44
CA ALA A 157 -0.32 -0.23 12.53
C ALA A 157 -0.32 0.91 13.57
N MET A 158 -1.35 1.76 13.56
CA MET A 158 -1.42 2.87 14.53
C MET A 158 -1.44 2.40 15.98
N SER A 159 -2.09 1.25 16.23
CA SER A 159 -2.29 0.74 17.59
C SER A 159 -0.97 0.46 18.36
N ILE A 160 0.13 0.30 17.63
CA ILE A 160 1.45 0.09 18.23
C ILE A 160 2.41 1.28 18.02
N CYS A 161 1.92 2.35 17.41
CA CYS A 161 2.69 3.58 17.33
C CYS A 161 2.66 4.23 18.72
N ASP A 162 3.68 5.04 19.02
CA ASP A 162 3.69 5.80 20.28
C ASP A 162 2.35 6.51 20.50
N PRO A 163 1.70 6.26 21.65
CA PRO A 163 0.38 6.84 21.90
C PRO A 163 0.37 8.36 21.98
N HIS A 164 1.43 8.97 22.50
CA HIS A 164 1.46 10.43 22.62
C HIS A 164 1.74 11.09 21.30
N GLY A 165 2.80 10.64 20.62
CA GLY A 165 3.17 11.15 19.29
C GLY A 165 2.08 11.01 18.23
N GLY A 166 1.30 9.93 18.30
CA GLY A 166 0.21 9.70 17.36
C GLY A 166 -1.15 10.20 17.83
N MET A 167 -1.14 11.05 18.86
CA MET A 167 -2.34 11.45 19.59
C MET A 167 -3.48 10.42 19.48
N HIS A 168 -3.26 9.29 20.13
CA HIS A 168 -4.25 8.22 20.24
C HIS A 168 -5.51 8.67 20.93
N SER A 169 -5.45 9.86 21.53
CA SER A 169 -6.62 10.59 22.05
C SER A 169 -7.71 10.68 20.98
N LEU A 170 -7.31 11.05 19.76
CA LEU A 170 -8.20 11.09 18.61
C LEU A 170 -8.98 9.80 18.39
N TRP A 171 -8.33 8.68 18.66
CA TRP A 171 -8.92 7.38 18.37
C TRP A 171 -9.40 6.73 19.64
N THR A 172 -9.64 5.42 19.58
CA THR A 172 -10.12 4.63 20.73
C THR A 172 -11.51 5.10 21.18
N ASP A 173 -12.44 4.17 21.45
CA ASP A 173 -12.21 2.73 21.44
C ASP A 173 -12.11 2.11 20.04
N VAL A 174 -11.81 2.94 19.04
CA VAL A 174 -11.60 2.41 17.69
C VAL A 174 -10.23 1.70 17.52
N LEU A 175 -9.17 2.21 18.14
CA LEU A 175 -7.86 1.53 18.11
C LEU A 175 -7.84 0.33 19.04
N ALA A 176 -7.18 -0.75 18.61
CA ALA A 176 -6.91 -1.87 19.52
C ALA A 176 -6.04 -1.37 20.67
N ALA A 177 -6.33 -1.87 21.87
CA ALA A 177 -5.56 -1.51 23.05
C ALA A 177 -4.39 -2.49 23.25
N GLN A 178 -3.17 -2.00 22.95
CA GLN A 178 -1.99 -2.86 22.97
C GLN A 178 -1.18 -2.63 24.25
N VAL A 179 -0.16 -3.46 24.46
CA VAL A 179 0.66 -3.35 25.66
C VAL A 179 1.91 -2.51 25.38
N PHE A 180 2.10 -1.44 26.15
CA PHE A 180 3.28 -0.58 26.00
C PHE A 180 4.23 -0.65 27.18
N ALA A 181 5.49 -1.00 26.90
CA ALA A 181 6.60 -0.81 27.81
C ALA A 181 7.12 0.64 27.70
N PRO A 182 7.84 1.11 28.74
CA PRO A 182 8.40 2.47 28.68
C PRO A 182 9.35 2.64 27.49
N GLN A 183 9.60 3.89 27.13
CA GLN A 183 10.63 4.21 26.14
C GLN A 183 11.91 3.40 26.40
N VAL A 184 12.44 2.73 25.38
CA VAL A 184 13.71 1.99 25.53
C VAL A 184 14.85 3.02 25.58
N PRO A 185 15.71 2.93 26.62
CA PRO A 185 16.78 3.90 26.77
C PRO A 185 17.86 3.76 25.69
N ARG A 186 18.72 4.76 25.58
CA ARG A 186 19.87 4.68 24.68
C ARG A 186 20.92 3.70 25.18
N ASP A 187 21.34 3.86 26.43
CA ASP A 187 22.37 3.03 26.99
C ASP A 187 21.76 1.77 27.55
N TYR A 188 22.51 0.68 27.50
CA TYR A 188 22.00 -0.58 27.99
C TYR A 188 21.84 -0.55 29.50
N ASP A 189 20.65 -0.89 29.96
CA ASP A 189 20.35 -0.96 31.38
C ASP A 189 19.62 -2.28 31.64
N PRO A 190 20.29 -3.24 32.29
CA PRO A 190 19.69 -4.54 32.56
C PRO A 190 18.32 -4.43 33.25
N ALA A 191 18.15 -3.40 34.07
CA ALA A 191 16.88 -3.15 34.76
C ALA A 191 15.72 -2.93 33.80
N TYR A 192 15.98 -2.31 32.65
CA TYR A 192 14.90 -2.07 31.66
C TYR A 192 14.38 -3.39 31.11
N SER A 193 15.30 -4.28 30.73
CA SER A 193 14.93 -5.58 30.18
C SER A 193 14.23 -6.46 31.20
N ALA A 194 14.67 -6.39 32.46
CA ALA A 194 14.01 -7.10 33.55
C ALA A 194 12.56 -6.63 33.70
N ALA A 195 12.33 -5.32 33.63
CA ALA A 195 10.98 -4.80 33.77
C ALA A 195 10.13 -5.09 32.52
N PHE A 196 10.77 -5.09 31.35
CA PHE A 196 10.10 -5.48 30.11
C PHE A 196 9.59 -6.91 30.24
N GLU A 197 10.48 -7.82 30.68
CA GLU A 197 10.08 -9.21 30.91
C GLU A 197 8.94 -9.34 31.92
N ALA A 198 9.01 -8.58 33.01
CA ALA A 198 8.01 -8.68 34.07
C ALA A 198 6.64 -8.22 33.57
N GLN A 199 6.63 -7.16 32.76
CA GLN A 199 5.41 -6.69 32.11
C GLN A 199 4.89 -7.73 31.13
N LEU A 200 5.77 -8.23 30.27
CA LEU A 200 5.37 -9.24 29.28
C LEU A 200 4.80 -10.49 29.97
N ALA A 201 5.43 -10.90 31.07
CA ALA A 201 4.99 -12.06 31.84
C ALA A 201 3.53 -11.95 32.27
N GLN A 202 3.07 -10.74 32.57
CA GLN A 202 1.68 -10.52 32.98
C GLN A 202 0.68 -10.70 31.84
N HIS A 203 1.16 -10.68 30.60
CA HIS A 203 0.28 -10.67 29.43
C HIS A 203 0.55 -11.80 28.47
N ALA A 204 1.50 -12.67 28.81
CA ALA A 204 2.01 -13.67 27.86
C ALA A 204 0.91 -14.50 27.20
N GLY A 205 -0.09 -14.88 27.98
CA GLY A 205 -1.22 -15.69 27.50
C GLY A 205 -2.17 -14.96 26.55
N GLU A 206 -2.05 -13.63 26.48
CA GLU A 206 -2.85 -12.85 25.52
C GLU A 206 -2.02 -12.16 24.44
N LEU A 207 -0.72 -12.42 24.42
CA LEU A 207 0.16 -11.75 23.44
C LEU A 207 0.52 -12.67 22.27
N ALA A 208 0.21 -12.20 21.05
CA ALA A 208 0.68 -12.87 19.84
C ALA A 208 2.14 -12.54 19.55
N ALA A 209 2.53 -11.29 19.77
CA ALA A 209 3.85 -10.81 19.36
C ALA A 209 4.31 -9.55 20.08
N VAL A 210 5.64 -9.45 20.22
CA VAL A 210 6.33 -8.18 20.48
C VAL A 210 6.67 -7.61 19.12
N VAL A 211 6.38 -6.33 18.88
CA VAL A 211 6.74 -5.68 17.62
C VAL A 211 7.58 -4.43 17.93
N VAL A 212 8.80 -4.37 17.41
CA VAL A 212 9.67 -3.20 17.62
C VAL A 212 10.45 -2.85 16.36
N GLU A 213 10.86 -1.59 16.26
CA GLU A 213 11.91 -1.17 15.33
C GLU A 213 13.25 -1.48 15.99
N PRO A 214 14.13 -2.26 15.32
CA PRO A 214 15.40 -2.61 15.96
C PRO A 214 16.45 -1.52 15.82
N VAL A 215 17.13 -1.22 16.93
CA VAL A 215 18.26 -0.27 17.03
C VAL A 215 17.88 1.20 16.84
N VAL A 216 17.15 1.52 15.77
CA VAL A 216 16.76 2.91 15.49
C VAL A 216 15.23 3.03 15.39
N GLN A 217 14.64 3.90 16.21
CA GLN A 217 13.24 4.28 16.06
C GLN A 217 13.19 5.55 15.21
N GLY A 218 12.55 5.47 14.06
CA GLY A 218 12.58 6.59 13.09
C GLY A 218 11.61 7.71 13.36
N ALA A 219 10.40 7.56 12.84
CA ALA A 219 9.43 8.66 12.84
C ALA A 219 8.96 9.02 14.24
N GLY A 220 9.15 8.12 15.19
CA GLY A 220 8.78 8.38 16.59
C GLY A 220 9.76 9.27 17.35
N GLY A 221 10.93 9.54 16.77
CA GLY A 221 11.86 10.48 17.40
C GLY A 221 13.34 10.27 17.14
N MET A 222 13.68 9.50 16.10
CA MET A 222 15.08 9.30 15.70
C MET A 222 15.96 8.94 16.90
N ARG A 223 15.46 8.02 17.71
CA ARG A 223 16.16 7.57 18.90
C ARG A 223 16.92 6.30 18.60
N PHE A 224 18.10 6.15 19.20
CA PHE A 224 18.88 4.94 19.06
C PHE A 224 18.88 4.20 20.40
N HIS A 225 18.88 2.87 20.35
CA HIS A 225 19.08 2.08 21.57
C HIS A 225 20.11 1.01 21.36
N ASP A 226 20.70 0.55 22.45
CA ASP A 226 21.75 -0.47 22.43
C ASP A 226 21.24 -1.78 21.85
N PRO A 227 21.98 -2.39 20.89
CA PRO A 227 21.52 -3.63 20.26
C PRO A 227 21.32 -4.79 21.23
N ARG A 228 21.95 -4.72 22.41
CA ARG A 228 21.79 -5.78 23.41
C ARG A 228 20.35 -5.97 23.87
N TYR A 229 19.56 -4.90 23.90
CA TYR A 229 18.13 -5.01 24.17
C TYR A 229 17.41 -5.99 23.23
N LEU A 230 17.88 -6.07 21.99
CA LEU A 230 17.27 -6.94 21.00
C LEU A 230 17.57 -8.40 21.32
N HIS A 231 18.77 -8.64 21.84
CA HIS A 231 19.14 -9.96 22.34
C HIS A 231 18.26 -10.36 23.50
N ASP A 232 17.99 -9.41 24.39
CA ASP A 232 17.08 -9.65 25.53
C ASP A 232 15.66 -9.97 25.06
N LEU A 233 15.17 -9.18 24.12
CA LEU A 233 13.84 -9.39 23.55
C LEU A 233 13.68 -10.77 22.94
N ARG A 234 14.67 -11.19 22.14
CA ARG A 234 14.68 -12.52 21.56
C ARG A 234 14.56 -13.62 22.62
N ASP A 235 15.37 -13.52 23.69
CA ASP A 235 15.36 -14.45 24.81
C ASP A 235 14.01 -14.46 25.57
N ILE A 236 13.53 -13.28 25.95
CA ILE A 236 12.20 -13.16 26.57
C ILE A 236 11.13 -13.80 25.68
N CYS A 237 11.14 -13.48 24.39
CA CYS A 237 10.10 -13.99 23.48
C CYS A 237 10.13 -15.51 23.37
N ARG A 238 11.34 -16.05 23.27
CA ARG A 238 11.51 -17.51 23.24
C ARG A 238 10.98 -18.16 24.53
N ARG A 239 11.37 -17.63 25.68
CA ARG A 239 11.00 -18.23 26.97
C ARG A 239 9.50 -18.11 27.30
N TYR A 240 8.83 -17.07 26.80
CA TYR A 240 7.41 -16.87 27.07
C TYR A 240 6.49 -17.24 25.91
N GLU A 241 7.08 -17.77 24.85
CA GLU A 241 6.36 -18.14 23.63
C GLU A 241 5.49 -17.00 23.10
N VAL A 242 6.17 -15.90 22.78
CA VAL A 242 5.60 -14.73 22.14
C VAL A 242 6.44 -14.56 20.88
N LEU A 243 5.80 -14.35 19.73
CA LEU A 243 6.57 -14.15 18.50
C LEU A 243 7.29 -12.81 18.55
N LEU A 244 8.45 -12.71 17.90
CA LEU A 244 9.18 -11.45 17.84
C LEU A 244 9.11 -10.92 16.41
N ILE A 245 8.58 -9.71 16.24
CA ILE A 245 8.46 -9.10 14.92
C ILE A 245 9.36 -7.85 14.87
N PHE A 246 10.29 -7.81 13.91
CA PHE A 246 11.09 -6.60 13.68
C PHE A 246 10.59 -5.79 12.50
N ASP A 247 10.27 -4.54 12.77
CA ASP A 247 9.86 -3.66 11.70
C ASP A 247 11.11 -2.95 11.19
N GLU A 248 11.69 -3.43 10.08
CA GLU A 248 12.88 -2.84 9.50
C GLU A 248 12.58 -1.99 8.27
N ILE A 249 11.36 -1.47 8.18
CA ILE A 249 10.92 -0.65 7.05
C ILE A 249 11.81 0.60 6.89
N ALA A 250 12.23 1.20 7.99
CA ALA A 250 13.16 2.34 7.94
C ALA A 250 14.63 1.94 8.01
N THR A 251 14.92 0.89 8.77
CA THR A 251 16.30 0.53 9.07
C THR A 251 16.98 -0.36 8.03
N GLY A 252 16.20 -1.00 7.17
CA GLY A 252 16.72 -2.02 6.26
C GLY A 252 17.73 -1.51 5.23
N PHE A 253 18.46 -2.44 4.64
CA PHE A 253 19.32 -2.15 3.48
C PHE A 253 20.46 -1.17 3.78
N GLY A 254 21.15 -1.43 4.89
CA GLY A 254 22.42 -0.79 5.20
C GLY A 254 22.32 0.50 5.99
N ARG A 255 21.10 1.03 6.17
CA ARG A 255 20.94 2.40 6.70
C ARG A 255 21.61 2.66 8.06
N THR A 256 21.61 1.66 8.95
CA THR A 256 22.19 1.83 10.28
C THR A 256 23.63 1.37 10.38
N GLY A 257 24.22 0.98 9.25
CA GLY A 257 25.60 0.53 9.24
C GLY A 257 25.73 -0.99 9.21
N ALA A 258 24.60 -1.68 9.41
CA ALA A 258 24.51 -3.11 9.13
C ALA A 258 23.49 -3.30 8.02
N LEU A 259 23.52 -4.45 7.36
CA LEU A 259 22.59 -4.72 6.27
C LEU A 259 21.15 -4.58 6.76
N PHE A 260 20.88 -5.22 7.89
CA PHE A 260 19.64 -5.03 8.62
C PHE A 260 20.00 -4.72 10.05
N ALA A 261 19.20 -3.90 10.72
CA ALA A 261 19.55 -3.45 12.07
C ALA A 261 19.64 -4.60 13.08
N ALA A 262 18.81 -5.63 12.88
CA ALA A 262 18.87 -6.88 13.67
C ALA A 262 20.28 -7.45 13.72
N ASP A 263 21.03 -7.25 12.63
CA ASP A 263 22.39 -7.79 12.49
C ASP A 263 23.35 -7.25 13.56
N HIS A 264 23.06 -6.06 14.08
CA HIS A 264 23.88 -5.46 15.15
C HIS A 264 23.82 -6.28 16.40
N ALA A 265 22.80 -7.12 16.51
CA ALA A 265 22.63 -7.97 17.69
C ALA A 265 22.75 -9.46 17.37
N GLY A 266 22.89 -9.81 16.09
CA GLY A 266 22.93 -11.20 15.65
C GLY A 266 21.58 -11.90 15.82
N VAL A 267 20.51 -11.12 15.97
CA VAL A 267 19.17 -11.64 16.31
C VAL A 267 18.32 -11.91 15.06
N SER A 268 17.64 -13.06 15.08
CA SER A 268 16.60 -13.41 14.09
C SER A 268 15.21 -13.26 14.72
N PRO A 269 14.37 -12.36 14.17
CA PRO A 269 12.97 -12.29 14.59
C PRO A 269 12.20 -13.45 13.94
N ASP A 270 10.98 -13.73 14.42
CA ASP A 270 10.13 -14.72 13.74
C ASP A 270 9.52 -14.14 12.45
N ILE A 271 9.30 -12.82 12.47
CA ILE A 271 8.65 -12.12 11.36
C ILE A 271 9.37 -10.78 11.18
N MET A 272 9.55 -10.35 9.94
CA MET A 272 10.25 -9.09 9.65
C MET A 272 9.57 -8.32 8.52
N CYS A 273 9.48 -7.00 8.66
CA CYS A 273 8.96 -6.12 7.60
C CYS A 273 10.07 -5.26 7.03
N VAL A 274 10.06 -5.10 5.71
CA VAL A 274 10.98 -4.18 5.01
C VAL A 274 10.16 -3.35 4.00
N GLY A 275 10.67 -2.18 3.61
CA GLY A 275 9.90 -1.34 2.70
C GLY A 275 10.55 -0.14 2.03
N LYS A 276 10.90 0.88 2.82
CA LYS A 276 11.21 2.20 2.26
C LYS A 276 12.31 2.21 1.20
N ALA A 277 13.42 1.54 1.47
CA ALA A 277 14.58 1.55 0.57
C ALA A 277 14.59 0.34 -0.34
N LEU A 278 13.53 -0.47 -0.26
CA LEU A 278 13.47 -1.76 -0.97
C LEU A 278 13.60 -1.60 -2.48
N THR A 279 12.94 -0.60 -3.06
CA THR A 279 13.04 -0.35 -4.51
C THR A 279 14.04 0.76 -4.86
N GLY A 280 14.90 1.12 -3.92
CA GLY A 280 15.78 2.28 -4.11
C GLY A 280 15.04 3.59 -4.27
N GLY A 281 13.79 3.62 -3.81
CA GLY A 281 13.00 4.83 -3.81
C GLY A 281 12.34 5.18 -5.12
N TYR A 282 12.13 4.18 -5.98
CA TYR A 282 11.46 4.40 -7.26
C TYR A 282 9.96 4.20 -7.12
N LEU A 283 9.58 3.11 -6.47
CA LEU A 283 8.20 2.63 -6.47
C LEU A 283 7.85 2.10 -5.09
N SER A 284 6.56 2.11 -4.75
CA SER A 284 6.12 1.55 -3.50
CA SER A 284 6.14 1.55 -3.48
C SER A 284 6.17 0.02 -3.57
N LEU A 285 6.75 -0.60 -2.54
CA LEU A 285 6.82 -2.03 -2.41
C LEU A 285 7.28 -2.32 -1.00
N ALA A 286 6.72 -3.35 -0.40
CA ALA A 286 7.14 -3.79 0.91
C ALA A 286 7.10 -5.29 0.94
N ALA A 287 7.70 -5.88 1.98
CA ALA A 287 7.68 -7.32 2.13
C ALA A 287 7.60 -7.68 3.60
N THR A 288 6.92 -8.78 3.86
CA THR A 288 6.86 -9.32 5.21
C THR A 288 7.41 -10.72 5.09
N LEU A 289 8.43 -11.01 5.87
CA LEU A 289 9.02 -12.34 5.85
C LEU A 289 8.68 -13.05 7.13
N CYS A 290 8.52 -14.37 7.06
CA CYS A 290 8.37 -15.16 8.27
C CYS A 290 9.08 -16.53 8.15
N THR A 291 9.28 -17.16 9.29
CA THR A 291 9.97 -18.44 9.34
C THR A 291 9.12 -19.53 8.69
N ALA A 292 9.78 -20.64 8.32
CA ALA A 292 9.08 -21.83 7.82
C ALA A 292 8.05 -22.33 8.83
N ASP A 293 8.41 -22.35 10.11
CA ASP A 293 7.49 -22.79 11.15
C ASP A 293 6.23 -21.93 11.22
N VAL A 294 6.39 -20.61 11.13
CA VAL A 294 5.22 -19.73 11.11
C VAL A 294 4.36 -20.02 9.88
N ALA A 295 4.99 -20.13 8.71
CA ALA A 295 4.29 -20.40 7.46
C ALA A 295 3.55 -21.74 7.46
N HIS A 296 4.17 -22.78 8.00
N HIS A 296 4.18 -22.78 7.99
CA HIS A 296 3.56 -24.11 8.05
CA HIS A 296 3.59 -24.12 8.09
C HIS A 296 2.44 -24.21 9.06
C HIS A 296 2.41 -24.15 9.03
N THR A 297 2.54 -23.45 10.15
CA THR A 297 1.50 -23.46 11.17
C THR A 297 0.25 -22.74 10.65
N ILE A 298 0.45 -21.60 9.98
CA ILE A 298 -0.65 -20.90 9.35
C ILE A 298 -1.28 -21.81 8.28
N SER A 299 -0.45 -22.40 7.43
CA SER A 299 -0.95 -23.25 6.34
C SER A 299 -1.73 -24.49 6.80
N ALA A 300 -1.40 -24.99 7.99
CA ALA A 300 -2.08 -26.16 8.55
C ALA A 300 -3.31 -25.79 9.39
N GLY A 301 -3.53 -24.50 9.61
CA GLY A 301 -4.63 -24.02 10.45
C GLY A 301 -5.98 -24.04 9.75
N ALA A 302 -7.01 -23.56 10.44
CA ALA A 302 -8.41 -23.66 9.98
C ALA A 302 -8.63 -23.00 8.63
N ALA A 303 -7.95 -21.88 8.42
CA ALA A 303 -8.08 -21.15 7.19
C ALA A 303 -7.34 -21.84 6.04
N GLY A 304 -6.27 -22.56 6.37
CA GLY A 304 -5.45 -23.25 5.37
C GLY A 304 -4.60 -22.30 4.52
N ALA A 305 -4.53 -21.04 4.92
CA ALA A 305 -3.92 -19.99 4.12
C ALA A 305 -3.81 -18.70 4.93
N LEU A 306 -2.88 -17.85 4.53
CA LEU A 306 -2.76 -16.52 5.08
C LEU A 306 -3.78 -15.66 4.36
N MET A 307 -4.70 -15.10 5.12
CA MET A 307 -5.90 -14.47 4.56
C MET A 307 -5.63 -13.03 4.13
N HIS A 308 -4.80 -12.87 3.10
CA HIS A 308 -4.38 -11.56 2.61
C HIS A 308 -3.91 -11.70 1.20
N GLY A 309 -4.16 -10.68 0.37
CA GLY A 309 -3.78 -10.74 -1.04
C GLY A 309 -4.05 -9.42 -1.76
N PRO A 310 -3.11 -8.46 -1.66
CA PRO A 310 -3.29 -7.14 -2.26
C PRO A 310 -3.29 -7.23 -3.78
N THR A 311 -4.07 -6.36 -4.43
CA THR A 311 -4.23 -6.33 -5.90
C THR A 311 -2.90 -6.42 -6.66
N PHE A 312 -1.96 -5.56 -6.28
CA PHE A 312 -0.67 -5.45 -6.98
C PHE A 312 0.43 -6.27 -6.33
N MET A 313 0.02 -7.27 -5.56
CA MET A 313 0.98 -8.16 -4.90
C MET A 313 2.07 -8.60 -5.87
N ALA A 314 3.32 -8.41 -5.48
CA ALA A 314 4.48 -8.87 -6.23
C ALA A 314 4.59 -8.24 -7.63
N ASN A 315 4.17 -6.99 -7.75
CA ASN A 315 4.19 -6.27 -9.03
C ASN A 315 5.55 -6.43 -9.73
N PRO A 316 5.55 -7.00 -10.96
CA PRO A 316 6.80 -7.20 -11.72
C PRO A 316 7.72 -5.98 -11.82
N LEU A 317 7.17 -4.80 -12.11
CA LEU A 317 7.99 -3.59 -12.23
C LEU A 317 8.69 -3.23 -10.92
N ALA A 318 7.92 -3.16 -9.84
CA ALA A 318 8.47 -2.87 -8.51
C ALA A 318 9.50 -3.94 -8.09
N CYS A 319 9.18 -5.21 -8.31
CA CYS A 319 10.12 -6.28 -7.97
C CYS A 319 11.42 -6.21 -8.78
N ALA A 320 11.30 -5.86 -10.06
CA ALA A 320 12.47 -5.74 -10.96
C ALA A 320 13.47 -4.68 -10.49
N VAL A 321 12.98 -3.48 -10.19
N VAL A 321 12.98 -3.48 -10.19
CA VAL A 321 13.85 -2.39 -9.73
CA VAL A 321 13.84 -2.39 -9.72
C VAL A 321 14.41 -2.66 -8.33
C VAL A 321 14.45 -2.77 -8.37
N SER A 322 13.63 -3.35 -7.50
CA SER A 322 14.11 -3.81 -6.17
C SER A 322 15.25 -4.83 -6.30
N VAL A 323 15.10 -5.79 -7.20
CA VAL A 323 16.17 -6.75 -7.50
C VAL A 323 17.45 -5.99 -7.86
N ALA A 324 17.33 -5.02 -8.78
CA ALA A 324 18.48 -4.22 -9.18
C ALA A 324 19.03 -3.37 -8.04
N SER A 325 18.15 -2.81 -7.20
CA SER A 325 18.59 -1.98 -6.06
C SER A 325 19.39 -2.81 -5.04
N VAL A 326 18.85 -3.97 -4.67
N VAL A 326 18.87 -3.98 -4.67
CA VAL A 326 19.52 -4.85 -3.70
CA VAL A 326 19.55 -4.83 -3.69
C VAL A 326 20.86 -5.35 -4.27
C VAL A 326 20.83 -5.48 -4.23
N GLU A 327 20.85 -5.79 -5.53
CA GLU A 327 22.06 -6.30 -6.17
C GLU A 327 23.11 -5.19 -6.28
N LEU A 328 22.67 -3.97 -6.56
CA LEU A 328 23.58 -2.82 -6.59
C LEU A 328 24.21 -2.60 -5.21
N LEU A 329 23.41 -2.74 -4.15
CA LEU A 329 23.91 -2.57 -2.80
C LEU A 329 24.93 -3.65 -2.43
N LEU A 330 24.58 -4.91 -2.72
CA LEU A 330 25.42 -6.05 -2.39
C LEU A 330 26.68 -6.14 -3.25
N GLY A 331 26.64 -5.56 -4.45
CA GLY A 331 27.75 -5.65 -5.40
C GLY A 331 28.87 -4.67 -5.15
N GLN A 332 28.68 -3.76 -4.19
CA GLN A 332 29.71 -2.81 -3.78
C GLN A 332 30.09 -3.06 -2.32
N ASP A 333 31.14 -2.40 -1.85
CA ASP A 333 31.51 -2.47 -0.44
C ASP A 333 30.66 -1.49 0.37
N TRP A 334 29.38 -1.85 0.57
CA TRP A 334 28.42 -0.94 1.21
C TRP A 334 28.81 -0.64 2.64
N ARG A 335 29.45 -1.58 3.32
CA ARG A 335 29.77 -1.39 4.74
C ARG A 335 30.79 -0.28 4.95
N THR A 336 31.81 -0.25 4.09
CA THR A 336 32.80 0.81 4.11
C THR A 336 32.14 2.12 3.73
N ARG A 337 31.25 2.08 2.74
CA ARG A 337 30.56 3.29 2.27
C ARG A 337 29.79 3.94 3.42
N ILE A 338 29.03 3.13 4.17
CA ILE A 338 28.21 3.63 5.27
C ILE A 338 29.08 4.11 6.43
N THR A 339 30.16 3.38 6.70
CA THR A 339 31.10 3.79 7.75
C THR A 339 31.69 5.17 7.44
N GLU A 340 32.09 5.37 6.18
CA GLU A 340 32.61 6.67 5.74
C GLU A 340 31.58 7.78 5.83
N LEU A 341 30.34 7.43 5.50
CA LEU A 341 29.22 8.35 5.60
CA LEU A 341 29.21 8.34 5.58
C LEU A 341 28.97 8.75 7.04
N ALA A 342 28.97 7.77 7.94
CA ALA A 342 28.78 8.03 9.37
C ALA A 342 29.92 8.91 9.92
N ALA A 343 31.16 8.63 9.51
CA ALA A 343 32.29 9.45 9.95
C ALA A 343 32.14 10.90 9.48
N GLY A 344 31.62 11.09 8.27
CA GLY A 344 31.34 12.42 7.71
C GLY A 344 30.27 13.16 8.51
N LEU A 345 29.19 12.46 8.85
CA LEU A 345 28.12 13.03 9.67
C LEU A 345 28.66 13.39 11.05
N THR A 346 29.43 12.49 11.66
CA THR A 346 29.99 12.75 12.99
C THR A 346 30.92 13.98 13.01
N ALA A 347 31.82 14.05 12.04
CA ALA A 347 32.79 15.12 11.96
C ALA A 347 32.06 16.44 11.72
N GLY A 348 31.12 16.40 10.77
CA GLY A 348 30.39 17.60 10.35
C GLY A 348 29.41 18.15 11.37
N LEU A 349 28.88 17.27 12.23
CA LEU A 349 27.86 17.66 13.21
C LEU A 349 28.44 18.02 14.59
N ASP A 350 29.74 17.81 14.76
CA ASP A 350 30.38 18.03 16.06
C ASP A 350 30.15 19.44 16.62
N THR A 351 30.31 20.48 15.80
CA THR A 351 30.20 21.85 16.28
C THR A 351 28.80 22.22 16.77
N ALA A 352 27.80 21.43 16.38
CA ALA A 352 26.43 21.65 16.85
C ALA A 352 26.27 21.43 18.36
N ARG A 353 27.10 20.56 18.92
CA ARG A 353 27.00 20.21 20.35
C ARG A 353 27.17 21.42 21.25
N ALA A 354 27.89 22.43 20.76
CA ALA A 354 28.18 23.65 21.54
C ALA A 354 27.13 24.75 21.36
N LEU A 355 26.20 24.55 20.42
CA LEU A 355 25.15 25.55 20.14
C LEU A 355 24.12 25.63 21.26
N PRO A 356 23.60 26.84 21.54
CA PRO A 356 22.72 27.02 22.73
C PRO A 356 21.42 26.22 22.71
N ALA A 357 20.83 26.02 21.53
CA ALA A 357 19.54 25.34 21.45
C ALA A 357 19.65 23.81 21.28
N VAL A 358 20.87 23.30 21.32
CA VAL A 358 21.10 21.88 21.03
C VAL A 358 21.24 21.04 22.29
N THR A 359 20.43 19.99 22.35
N THR A 359 20.43 19.99 22.39
CA THR A 359 20.37 19.08 23.50
CA THR A 359 20.49 19.10 23.57
C THR A 359 21.20 17.82 23.29
C THR A 359 21.23 17.79 23.30
N ASP A 360 21.28 17.35 22.05
CA ASP A 360 22.02 16.14 21.70
C ASP A 360 22.41 16.14 20.23
N VAL A 361 23.54 15.48 19.94
CA VAL A 361 23.97 15.18 18.57
C VAL A 361 24.26 13.69 18.52
N ARG A 362 23.65 12.97 17.59
CA ARG A 362 23.84 11.53 17.52
C ARG A 362 23.85 11.03 16.08
N VAL A 363 24.72 10.06 15.83
CA VAL A 363 24.91 9.46 14.51
C VAL A 363 24.87 7.94 14.64
N CYS A 364 24.19 7.28 13.72
CA CYS A 364 24.20 5.82 13.68
C CYS A 364 24.14 5.42 12.21
N GLY A 365 25.26 4.94 11.68
CA GLY A 365 25.36 4.67 10.26
C GLY A 365 25.08 5.93 9.46
N ALA A 366 24.28 5.81 8.40
CA ALA A 366 23.94 6.96 7.56
C ALA A 366 22.73 7.74 8.10
N ILE A 367 22.76 8.01 9.41
CA ILE A 367 21.71 8.76 10.10
C ILE A 367 22.39 9.77 11.01
N GLY A 368 22.06 11.05 10.84
CA GLY A 368 22.63 12.13 11.64
C GLY A 368 21.52 12.97 12.21
N VAL A 369 21.58 13.21 13.52
CA VAL A 369 20.49 13.90 14.22
C VAL A 369 21.04 15.02 15.11
N ILE A 370 20.48 16.21 14.94
CA ILE A 370 20.65 17.27 15.93
C ILE A 370 19.32 17.41 16.67
N GLU A 371 19.34 17.11 17.96
CA GLU A 371 18.16 17.25 18.80
C GLU A 371 18.17 18.60 19.49
N CYS A 372 17.16 19.41 19.19
CA CYS A 372 17.06 20.76 19.71
C CYS A 372 16.19 20.84 20.98
N ASP A 373 16.21 22.00 21.62
CA ASP A 373 15.51 22.20 22.90
C ASP A 373 14.12 22.80 22.72
N ARG A 374 13.74 22.99 21.46
CA ARG A 374 12.42 23.48 21.09
C ARG A 374 12.00 22.89 19.75
N PRO A 375 10.68 22.82 19.48
CA PRO A 375 10.22 22.42 18.17
C PRO A 375 10.82 23.33 17.09
N VAL A 376 11.28 22.74 16.00
CA VAL A 376 11.92 23.50 14.93
C VAL A 376 10.84 24.12 14.04
N ASP A 377 10.93 25.43 13.84
CA ASP A 377 9.99 26.12 12.96
C ASP A 377 10.39 25.90 11.50
N LEU A 378 9.53 25.20 10.75
CA LEU A 378 9.80 24.85 9.36
C LEU A 378 9.82 26.06 8.43
N ALA A 379 9.05 27.10 8.78
CA ALA A 379 9.01 28.30 7.95
C ALA A 379 10.36 29.04 7.96
N VAL A 380 11.16 28.81 9.02
CA VAL A 380 12.52 29.33 9.12
C VAL A 380 13.54 28.30 8.63
N ALA A 381 13.45 27.07 9.11
CA ALA A 381 14.41 26.02 8.82
C ALA A 381 14.52 25.66 7.33
N THR A 382 13.39 25.38 6.69
CA THR A 382 13.38 24.93 5.29
C THR A 382 14.06 25.92 4.35
N PRO A 383 13.65 27.21 4.36
CA PRO A 383 14.35 28.11 3.46
C PRO A 383 15.80 28.38 3.84
N ALA A 384 16.13 28.28 5.13
CA ALA A 384 17.51 28.44 5.57
C ALA A 384 18.41 27.33 4.98
N ALA A 385 17.91 26.10 4.95
CA ALA A 385 18.67 24.99 4.36
C ALA A 385 18.76 25.10 2.83
N LEU A 386 17.66 25.53 2.20
CA LEU A 386 17.65 25.76 0.75
C LEU A 386 18.66 26.83 0.34
N ASP A 387 18.79 27.88 1.15
CA ASP A 387 19.81 28.93 0.94
C ASP A 387 21.24 28.37 1.00
N ARG A 388 21.39 27.23 1.68
N ARG A 388 21.39 27.23 1.68
CA ARG A 388 22.67 26.54 1.80
CA ARG A 388 22.67 26.53 1.80
C ARG A 388 22.75 25.34 0.85
C ARG A 388 22.78 25.37 0.81
N GLY A 389 21.83 25.28 -0.11
CA GLY A 389 21.84 24.24 -1.15
C GLY A 389 21.47 22.82 -0.70
N VAL A 390 20.63 22.72 0.33
CA VAL A 390 20.27 21.43 0.92
C VAL A 390 18.77 21.37 1.22
N TRP A 391 18.15 20.26 0.81
CA TRP A 391 16.78 19.96 1.21
C TRP A 391 16.78 19.28 2.55
N LEU A 392 16.31 19.98 3.58
CA LEU A 392 16.13 19.41 4.91
C LEU A 392 14.70 19.60 5.32
N ARG A 393 14.13 18.59 5.97
CA ARG A 393 12.81 18.70 6.56
C ARG A 393 12.86 18.26 8.02
N PRO A 394 13.06 19.21 8.95
CA PRO A 394 13.01 18.84 10.37
C PRO A 394 11.62 18.30 10.74
N PHE A 395 11.54 17.51 11.81
CA PHE A 395 10.24 17.23 12.42
C PHE A 395 10.35 17.31 13.93
N ARG A 396 9.30 17.83 14.57
CA ARG A 396 9.33 18.15 15.99
C ARG A 396 10.59 18.96 16.29
N ASN A 397 11.35 18.54 17.29
CA ASN A 397 12.57 19.26 17.69
C ASN A 397 13.86 18.72 17.02
N LEU A 398 13.75 18.02 15.90
CA LEU A 398 14.92 17.35 15.31
C LEU A 398 15.31 17.89 13.95
N VAL A 399 16.59 18.24 13.80
CA VAL A 399 17.19 18.57 12.52
C VAL A 399 18.03 17.34 12.17
N TYR A 400 17.61 16.60 11.16
CA TYR A 400 18.23 15.31 10.89
C TYR A 400 18.41 15.04 9.41
N ALA A 401 19.27 14.06 9.10
CA ALA A 401 19.53 13.67 7.73
C ALA A 401 19.70 12.17 7.62
N MET A 402 19.28 11.65 6.48
CA MET A 402 19.49 10.25 6.11
CA MET A 402 19.40 10.25 6.09
C MET A 402 19.88 10.31 4.65
N PRO A 403 21.15 10.67 4.40
CA PRO A 403 21.55 10.96 3.02
C PRO A 403 21.70 9.72 2.14
N PRO A 404 21.59 9.91 0.82
CA PRO A 404 21.80 8.82 -0.12
C PRO A 404 23.21 8.30 0.02
N TYR A 405 23.39 7.00 -0.20
CA TYR A 405 24.68 6.35 0.01
C TYR A 405 25.73 6.86 -0.96
N ILE A 406 25.27 7.43 -2.07
CA ILE A 406 26.14 7.93 -3.12
C ILE A 406 26.69 9.34 -2.87
N CYS A 407 26.35 9.95 -1.73
CA CYS A 407 26.85 11.30 -1.43
C CYS A 407 28.35 11.26 -1.24
N THR A 408 29.06 12.20 -1.85
CA THR A 408 30.51 12.28 -1.68
C THR A 408 30.81 12.89 -0.31
N PRO A 409 32.07 12.73 0.19
CA PRO A 409 32.45 13.45 1.39
C PRO A 409 32.15 14.96 1.36
N ALA A 410 32.40 15.64 0.23
CA ALA A 410 32.05 17.07 0.11
C ALA A 410 30.55 17.33 0.29
N GLU A 411 29.71 16.48 -0.32
CA GLU A 411 28.25 16.61 -0.21
C GLU A 411 27.75 16.38 1.22
N ILE A 412 28.35 15.43 1.94
CA ILE A 412 27.99 15.19 3.35
C ILE A 412 28.34 16.40 4.19
N THR A 413 29.50 16.99 3.93
CA THR A 413 29.90 18.18 4.70
C THR A 413 28.98 19.38 4.38
N GLN A 414 28.55 19.52 3.13
CA GLN A 414 27.56 20.54 2.77
C GLN A 414 26.24 20.30 3.54
N ILE A 415 25.81 19.05 3.61
CA ILE A 415 24.59 18.68 4.35
C ILE A 415 24.72 19.01 5.84
N THR A 416 25.80 18.55 6.48
CA THR A 416 25.99 18.81 7.91
C THR A 416 26.16 20.31 8.21
N SER A 417 26.83 21.05 7.31
CA SER A 417 26.96 22.49 7.50
CA SER A 417 26.96 22.51 7.45
C SER A 417 25.60 23.18 7.53
N ALA A 418 24.71 22.77 6.63
CA ALA A 418 23.35 23.33 6.57
C ALA A 418 22.56 22.99 7.84
N MET A 419 22.72 21.77 8.33
CA MET A 419 22.04 21.32 9.54
C MET A 419 22.52 22.16 10.73
N VAL A 420 23.84 22.39 10.79
CA VAL A 420 24.42 23.23 11.86
C VAL A 420 23.84 24.64 11.80
N GLU A 421 23.76 25.21 10.61
CA GLU A 421 23.21 26.56 10.44
C GLU A 421 21.72 26.65 10.77
N VAL A 422 20.96 25.60 10.46
CA VAL A 422 19.56 25.56 10.85
C VAL A 422 19.46 25.55 12.38
N ALA A 423 20.29 24.72 13.02
CA ALA A 423 20.29 24.62 14.49
C ALA A 423 20.72 25.93 15.15
N ARG A 424 21.65 26.64 14.52
CA ARG A 424 22.09 27.94 15.01
C ARG A 424 20.91 28.91 14.97
N LEU A 425 20.17 28.91 13.87
CA LEU A 425 18.98 29.75 13.72
C LEU A 425 17.86 29.43 14.71
N VAL A 426 17.70 28.14 15.04
CA VAL A 426 16.69 27.70 16.00
C VAL A 426 16.92 28.42 17.33
N GLY A 427 18.18 28.54 17.72
CA GLY A 427 18.56 29.30 18.92
C GLY A 427 18.62 30.82 18.77
N SER A 428 18.06 31.35 17.69
CA SER A 428 17.98 32.81 17.44
C SER A 428 16.54 33.33 17.48
N LEU A 429 15.58 32.41 17.34
CA LEU A 429 14.14 32.74 17.23
C LEU A 429 13.80 33.63 16.03
N LEU B 1 16.46 -16.78 -14.04
CA LEU B 1 15.86 -18.09 -13.66
C LEU B 1 15.03 -18.67 -14.81
N THR B 2 15.06 -19.99 -14.95
CA THR B 2 14.24 -20.69 -15.94
C THR B 2 12.86 -20.90 -15.30
N PRO B 3 11.83 -21.15 -16.14
CA PRO B 3 10.52 -21.48 -15.55
C PRO B 3 10.56 -22.55 -14.44
N GLU B 4 11.32 -23.63 -14.69
N GLU B 4 11.31 -23.65 -14.66
CA GLU B 4 11.51 -24.70 -13.72
CA GLU B 4 11.43 -24.69 -13.62
C GLU B 4 12.11 -24.18 -12.40
C GLU B 4 12.08 -24.13 -12.34
N GLN B 5 13.11 -23.30 -12.51
CA GLN B 5 13.76 -22.67 -11.35
C GLN B 5 12.81 -21.71 -10.63
N ILE B 6 12.02 -20.96 -11.40
CA ILE B 6 11.03 -20.04 -10.85
C ILE B 6 10.01 -20.80 -10.01
N ILE B 7 9.50 -21.91 -10.54
CA ILE B 7 8.56 -22.76 -9.79
C ILE B 7 9.15 -23.25 -8.48
N ALA B 8 10.43 -23.65 -8.50
CA ALA B 8 11.12 -24.16 -7.31
C ALA B 8 11.29 -23.09 -6.22
N VAL B 9 11.79 -21.92 -6.60
CA VAL B 9 11.93 -20.79 -5.68
C VAL B 9 10.54 -20.42 -5.12
N ASP B 10 9.56 -20.32 -6.03
CA ASP B 10 8.19 -19.97 -5.68
C ASP B 10 7.58 -20.90 -4.64
N GLY B 11 7.66 -22.22 -4.87
CA GLY B 11 7.11 -23.19 -3.93
C GLY B 11 7.71 -23.11 -2.53
N ALA B 12 9.00 -22.81 -2.48
CA ALA B 12 9.73 -22.70 -1.22
C ALA B 12 9.48 -21.37 -0.49
N HIS B 13 9.44 -20.27 -1.23
CA HIS B 13 9.61 -18.93 -0.63
C HIS B 13 8.50 -17.90 -0.83
N LEU B 14 7.58 -18.15 -1.74
CA LEU B 14 6.59 -17.10 -2.09
C LEU B 14 5.18 -17.37 -1.58
N TRP B 15 4.66 -16.44 -0.79
CA TRP B 15 3.22 -16.39 -0.54
C TRP B 15 2.49 -15.86 -1.75
N HIS B 16 1.31 -16.39 -2.02
CA HIS B 16 0.43 -15.85 -3.04
C HIS B 16 -0.82 -15.34 -2.37
N PRO B 17 -1.71 -14.66 -3.12
CA PRO B 17 -2.93 -14.15 -2.47
C PRO B 17 -3.74 -15.27 -1.80
N TYR B 18 -4.06 -15.11 -0.51
CA TYR B 18 -4.89 -16.10 0.21
C TYR B 18 -4.45 -17.54 -0.07
N SER B 19 -3.16 -17.79 0.11
CA SER B 19 -2.60 -19.08 -0.23
C SER B 19 -1.86 -19.64 0.96
N SER B 20 -1.43 -20.89 0.82
CA SER B 20 -0.62 -21.56 1.81
C SER B 20 0.83 -21.47 1.35
N ILE B 21 1.74 -21.97 2.19
CA ILE B 21 3.08 -22.35 1.77
C ILE B 21 3.18 -23.86 1.99
N GLY B 22 3.59 -24.60 0.96
CA GLY B 22 3.77 -26.05 1.02
C GLY B 22 2.52 -26.91 0.90
N ARG B 23 1.36 -26.28 0.76
CA ARG B 23 0.08 -27.01 0.71
C ARG B 23 -0.77 -26.68 -0.52
N GLU B 24 -0.19 -26.01 -1.51
CA GLU B 24 -0.94 -25.62 -2.71
C GLU B 24 -1.32 -26.87 -3.52
N ALA B 25 -2.61 -26.98 -3.88
CA ALA B 25 -3.09 -28.11 -4.67
C ALA B 25 -2.51 -28.09 -6.08
N VAL B 26 -2.31 -26.89 -6.63
CA VAL B 26 -1.72 -26.75 -7.95
C VAL B 26 -0.66 -25.66 -7.91
N SER B 27 0.49 -25.91 -8.55
CA SER B 27 1.50 -24.87 -8.74
C SER B 27 0.91 -23.66 -9.47
N PRO B 28 1.38 -22.45 -9.14
CA PRO B 28 1.02 -21.30 -9.98
C PRO B 28 1.69 -21.48 -11.35
N VAL B 29 1.13 -20.86 -12.38
CA VAL B 29 1.64 -20.93 -13.74
C VAL B 29 2.62 -19.78 -13.94
N VAL B 30 3.77 -20.08 -14.54
CA VAL B 30 4.79 -19.06 -14.81
C VAL B 30 4.35 -18.14 -15.94
N ALA B 31 4.29 -16.84 -15.64
CA ALA B 31 4.06 -15.79 -16.62
C ALA B 31 5.39 -15.20 -17.06
N VAL B 32 5.61 -15.08 -18.37
CA VAL B 32 6.90 -14.59 -18.87
C VAL B 32 6.82 -13.32 -19.69
N ALA B 33 5.61 -12.95 -20.11
CA ALA B 33 5.40 -11.73 -20.88
C ALA B 33 3.93 -11.34 -20.80
N ALA B 34 3.65 -10.07 -21.07
CA ALA B 34 2.30 -9.55 -21.18
C ALA B 34 2.32 -8.42 -22.21
N HIS B 35 1.48 -8.54 -23.23
CA HIS B 35 1.40 -7.54 -24.29
C HIS B 35 -0.02 -7.42 -24.77
N GLY B 36 -0.53 -6.20 -24.81
CA GLY B 36 -1.94 -5.98 -25.15
C GLY B 36 -2.87 -6.78 -24.25
N ALA B 37 -3.82 -7.48 -24.86
CA ALA B 37 -4.77 -8.29 -24.08
C ALA B 37 -4.25 -9.71 -23.76
N TRP B 38 -2.99 -9.99 -24.09
CA TRP B 38 -2.45 -11.35 -24.00
C TRP B 38 -1.32 -11.51 -23.01
N LEU B 39 -1.35 -12.63 -22.29
CA LEU B 39 -0.26 -13.06 -21.42
C LEU B 39 0.46 -14.22 -22.12
N THR B 40 1.77 -14.29 -21.93
CA THR B 40 2.52 -15.47 -22.33
C THR B 40 2.78 -16.26 -21.06
N LEU B 41 2.21 -17.45 -21.00
CA LEU B 41 2.30 -18.33 -19.86
C LEU B 41 3.01 -19.62 -20.26
N ILE B 42 3.59 -20.31 -19.30
CA ILE B 42 4.32 -21.55 -19.56
C ILE B 42 3.41 -22.75 -19.24
N ARG B 43 3.24 -23.60 -20.24
CA ARG B 43 2.34 -24.76 -20.21
C ARG B 43 3.09 -25.87 -20.87
N ASP B 44 3.25 -27.00 -20.18
CA ASP B 44 4.05 -28.12 -20.70
C ASP B 44 5.47 -27.65 -21.05
N GLY B 45 5.96 -26.65 -20.30
CA GLY B 45 7.30 -26.09 -20.50
C GLY B 45 7.44 -25.18 -21.72
N GLN B 46 6.36 -24.92 -22.43
N GLN B 46 6.34 -24.93 -22.42
CA GLN B 46 6.40 -24.09 -23.63
CA GLN B 46 6.29 -24.11 -23.63
C GLN B 46 5.60 -22.80 -23.44
C GLN B 46 5.59 -22.77 -23.39
N PRO B 47 6.08 -21.68 -24.02
CA PRO B 47 5.38 -20.41 -23.90
C PRO B 47 4.14 -20.38 -24.80
N ILE B 48 2.99 -20.07 -24.22
CA ILE B 48 1.77 -19.92 -25.01
C ILE B 48 1.09 -18.59 -24.70
N GLU B 49 0.52 -17.98 -25.73
CA GLU B 49 -0.18 -16.72 -25.56
C GLU B 49 -1.66 -16.95 -25.29
N VAL B 50 -2.13 -16.41 -24.17
CA VAL B 50 -3.54 -16.56 -23.78
C VAL B 50 -4.16 -15.20 -23.44
N LEU B 51 -5.45 -15.06 -23.65
CA LEU B 51 -6.15 -13.82 -23.35
C LEU B 51 -6.27 -13.58 -21.85
N ASP B 52 -5.95 -12.37 -21.41
CA ASP B 52 -6.09 -11.98 -20.00
C ASP B 52 -7.55 -11.62 -19.73
N ALA B 53 -8.39 -12.63 -19.57
CA ALA B 53 -9.83 -12.42 -19.39
C ALA B 53 -10.15 -11.64 -18.11
N MET B 54 -9.23 -11.68 -17.14
CA MET B 54 -9.46 -11.07 -15.82
C MET B 54 -8.93 -9.64 -15.73
N SER B 55 -8.37 -9.14 -16.83
CA SER B 55 -7.58 -7.90 -16.83
C SER B 55 -6.58 -7.86 -15.66
N SER B 56 -5.99 -9.02 -15.36
CA SER B 56 -5.04 -9.13 -14.24
C SER B 56 -5.64 -8.54 -12.96
N TRP B 57 -6.82 -9.05 -12.59
CA TRP B 57 -7.52 -8.61 -11.38
C TRP B 57 -7.99 -7.17 -11.49
N TRP B 58 -8.70 -6.87 -12.58
CA TRP B 58 -9.34 -5.57 -12.82
C TRP B 58 -8.45 -4.43 -13.23
N THR B 59 -7.15 -4.66 -13.34
CA THR B 59 -6.22 -3.55 -13.50
C THR B 59 -5.94 -3.10 -14.93
N ALA B 60 -5.82 -4.07 -15.84
CA ALA B 60 -5.28 -3.88 -17.18
C ALA B 60 -6.33 -3.38 -18.18
N ILE B 61 -6.92 -2.22 -17.92
CA ILE B 61 -8.06 -1.75 -18.73
C ILE B 61 -7.68 -1.42 -20.18
N HIS B 62 -6.46 -0.92 -20.39
CA HIS B 62 -5.98 -0.63 -21.74
C HIS B 62 -5.07 -1.72 -22.26
N GLY B 63 -5.07 -2.87 -21.60
CA GLY B 63 -4.14 -3.95 -21.90
C GLY B 63 -2.72 -3.67 -21.40
N HIS B 64 -1.86 -4.68 -21.51
CA HIS B 64 -0.47 -4.57 -21.09
C HIS B 64 0.39 -3.94 -22.12
N GLY B 65 1.39 -3.18 -21.67
CA GLY B 65 2.37 -2.55 -22.56
C GLY B 65 1.75 -1.69 -23.66
N HIS B 66 0.77 -0.88 -23.28
CA HIS B 66 0.19 0.10 -24.18
C HIS B 66 1.23 1.16 -24.43
N PRO B 67 1.55 1.46 -25.71
CA PRO B 67 2.63 2.38 -26.05
C PRO B 67 2.53 3.74 -25.36
N ALA B 68 1.31 4.28 -25.23
CA ALA B 68 1.13 5.58 -24.58
C ALA B 68 1.45 5.53 -23.08
N LEU B 69 1.17 4.40 -22.44
CA LEU B 69 1.43 4.27 -21.00
C LEU B 69 2.90 3.93 -20.72
N ASP B 70 3.46 3.03 -21.53
CA ASP B 70 4.92 2.78 -21.49
C ASP B 70 5.69 4.07 -21.65
N GLN B 71 5.29 4.90 -22.63
CA GLN B 71 5.95 6.16 -22.88
C GLN B 71 5.83 7.16 -21.73
N ALA B 72 4.64 7.23 -21.14
CA ALA B 72 4.41 8.10 -19.99
C ALA B 72 5.34 7.79 -18.84
N LEU B 73 5.53 6.49 -18.57
CA LEU B 73 6.43 6.05 -17.51
C LEU B 73 7.87 6.40 -17.85
N THR B 74 8.28 6.06 -19.07
CA THR B 74 9.67 6.28 -19.47
CA THR B 74 9.64 6.26 -19.55
C THR B 74 10.01 7.76 -19.53
N THR B 75 9.06 8.60 -19.91
CA THR B 75 9.26 10.05 -19.95
C THR B 75 9.45 10.61 -18.52
N GLN B 76 8.58 10.20 -17.60
CA GLN B 76 8.73 10.62 -16.21
C GLN B 76 10.03 10.12 -15.59
N LEU B 77 10.41 8.90 -15.94
CA LEU B 77 11.62 8.28 -15.39
C LEU B 77 12.86 9.13 -15.67
N ARG B 78 12.89 9.79 -16.83
CA ARG B 78 14.04 10.62 -17.20
C ARG B 78 14.12 11.96 -16.47
N VAL B 79 13.05 12.35 -15.79
N VAL B 79 13.03 12.32 -15.79
CA VAL B 79 13.07 13.65 -15.14
CA VAL B 79 12.89 13.63 -15.17
C VAL B 79 13.01 13.57 -13.61
C VAL B 79 13.02 13.52 -13.66
N MET B 80 12.19 12.68 -13.06
CA MET B 80 12.07 12.57 -11.60
C MET B 80 11.32 11.30 -11.22
N ASN B 81 12.03 10.36 -10.60
CA ASN B 81 11.40 9.08 -10.21
C ASN B 81 10.41 9.26 -9.06
N HIS B 82 10.84 9.98 -8.04
CA HIS B 82 10.10 10.14 -6.80
C HIS B 82 10.73 11.22 -5.95
N VAL B 83 9.89 12.00 -5.27
CA VAL B 83 10.35 12.87 -4.17
C VAL B 83 9.34 12.71 -3.04
N MET B 84 9.76 13.02 -1.81
CA MET B 84 8.84 12.97 -0.69
C MET B 84 7.75 14.04 -0.86
N PHE B 85 6.53 13.67 -0.47
CA PHE B 85 5.40 14.56 -0.62
C PHE B 85 5.23 15.47 0.62
N GLY B 86 6.06 15.24 1.64
CA GLY B 86 6.15 16.15 2.78
C GLY B 86 6.97 17.39 2.45
N GLY B 87 6.29 18.51 2.23
CA GLY B 87 6.95 19.80 2.00
C GLY B 87 7.27 20.07 0.54
N LEU B 88 7.01 19.08 -0.32
CA LEU B 88 7.17 19.21 -1.77
C LEU B 88 5.91 18.81 -2.54
N THR B 89 5.73 19.40 -3.70
CA THR B 89 4.69 18.98 -4.63
C THR B 89 5.30 18.87 -6.03
N HIS B 90 4.54 18.34 -6.98
CA HIS B 90 5.07 18.16 -8.32
C HIS B 90 3.99 18.08 -9.36
N GLU B 91 4.39 18.16 -10.63
CA GLU B 91 3.44 18.21 -11.72
C GLU B 91 2.57 16.96 -11.89
N PRO B 92 3.15 15.74 -11.78
CA PRO B 92 2.28 14.56 -11.91
C PRO B 92 1.16 14.49 -10.87
N ALA B 93 1.45 14.83 -9.61
CA ALA B 93 0.39 14.89 -8.58
C ALA B 93 -0.68 15.92 -8.91
N ALA B 94 -0.25 17.14 -9.27
CA ALA B 94 -1.19 18.22 -9.59
C ALA B 94 -2.04 17.87 -10.80
N ARG B 95 -1.41 17.37 -11.87
CA ARG B 95 -2.14 16.97 -13.08
C ARG B 95 -3.18 15.89 -12.77
N LEU B 96 -2.77 14.85 -12.03
CA LEU B 96 -3.69 13.75 -11.72
C LEU B 96 -4.85 14.22 -10.82
N ALA B 97 -4.54 15.01 -9.80
CA ALA B 97 -5.57 15.47 -8.86
C ALA B 97 -6.59 16.34 -9.62
N LYS B 98 -6.12 17.19 -10.53
CA LYS B 98 -7.03 18.00 -11.34
C LYS B 98 -7.96 17.13 -12.18
N LEU B 99 -7.39 16.15 -12.87
CA LEU B 99 -8.17 15.17 -13.63
C LEU B 99 -9.18 14.47 -12.77
N LEU B 100 -8.74 13.95 -11.62
CA LEU B 100 -9.61 13.17 -10.75
C LEU B 100 -10.74 14.00 -10.17
N VAL B 101 -10.47 15.22 -9.71
CA VAL B 101 -11.56 16.08 -9.26
C VAL B 101 -12.54 16.43 -10.38
N ASP B 102 -12.04 16.59 -11.61
CA ASP B 102 -12.91 16.97 -12.72
C ASP B 102 -13.86 15.86 -13.16
N ILE B 103 -13.41 14.60 -13.12
CA ILE B 103 -14.19 13.49 -13.70
C ILE B 103 -15.00 12.65 -12.72
N THR B 104 -14.73 12.81 -11.42
CA THR B 104 -15.48 12.10 -10.39
C THR B 104 -16.83 12.78 -10.15
N PRO B 105 -17.77 12.10 -9.46
CA PRO B 105 -19.07 12.71 -9.15
C PRO B 105 -18.92 14.08 -8.50
N ALA B 106 -19.85 14.98 -8.81
CA ALA B 106 -19.77 16.39 -8.38
C ALA B 106 -19.55 16.55 -6.88
N GLY B 107 -18.70 17.50 -6.50
CA GLY B 107 -18.43 17.82 -5.10
C GLY B 107 -17.20 17.19 -4.48
N LEU B 108 -16.55 16.27 -5.17
CA LEU B 108 -15.34 15.66 -4.66
C LEU B 108 -14.14 16.52 -5.05
N ASP B 109 -13.71 17.38 -4.14
CA ASP B 109 -12.76 18.48 -4.42
C ASP B 109 -11.31 18.26 -3.97
N THR B 110 -11.08 17.27 -3.12
CA THR B 110 -9.74 17.05 -2.57
C THR B 110 -9.32 15.59 -2.74
N VAL B 111 -8.03 15.38 -2.93
CA VAL B 111 -7.47 14.07 -3.30
C VAL B 111 -6.32 13.72 -2.37
N PHE B 112 -6.45 12.57 -1.69
CA PHE B 112 -5.40 12.00 -0.85
C PHE B 112 -4.87 10.76 -1.54
N PHE B 113 -3.61 10.80 -1.99
CA PHE B 113 -3.04 9.65 -2.70
C PHE B 113 -2.42 8.65 -1.74
N SER B 114 -2.63 7.37 -2.04
CA SER B 114 -1.95 6.32 -1.29
C SER B 114 -1.54 5.19 -2.24
N ASP B 115 -1.03 4.12 -1.69
CA ASP B 115 -0.38 3.12 -2.53
C ASP B 115 -1.20 1.87 -2.75
N SER B 116 -2.39 1.78 -2.14
CA SER B 116 -3.26 0.65 -2.40
C SER B 116 -4.71 0.89 -2.01
N GLY B 117 -5.57 0.04 -2.55
CA GLY B 117 -7.01 0.12 -2.27
C GLY B 117 -7.33 0.02 -0.79
N SER B 118 -6.78 -0.99 -0.11
CA SER B 118 -7.06 -1.18 1.32
C SER B 118 -6.67 0.03 2.14
N VAL B 119 -5.51 0.63 1.83
CA VAL B 119 -5.10 1.87 2.51
C VAL B 119 -6.08 3.00 2.22
N SER B 120 -6.52 3.14 0.97
CA SER B 120 -7.42 4.25 0.63
C SER B 120 -8.76 4.14 1.39
N VAL B 121 -9.19 2.91 1.63
CA VAL B 121 -10.37 2.60 2.45
C VAL B 121 -10.16 3.02 3.92
N GLU B 122 -8.98 2.74 4.48
CA GLU B 122 -8.70 3.17 5.85
C GLU B 122 -8.56 4.68 5.94
N VAL B 123 -8.02 5.29 4.89
CA VAL B 123 -7.96 6.76 4.80
C VAL B 123 -9.38 7.34 4.80
N ALA B 124 -10.27 6.72 4.02
CA ALA B 124 -11.68 7.15 3.95
C ALA B 124 -12.31 7.08 5.34
N ALA B 125 -12.07 5.97 6.03
CA ALA B 125 -12.60 5.76 7.38
C ALA B 125 -12.01 6.79 8.33
N LYS B 126 -10.72 7.09 8.18
CA LYS B 126 -10.06 8.08 9.03
C LYS B 126 -10.67 9.47 8.80
N MET B 127 -10.87 9.83 7.53
CA MET B 127 -11.57 11.06 7.18
C MET B 127 -12.94 11.15 7.87
N ALA B 128 -13.72 10.07 7.83
CA ALA B 128 -15.06 10.06 8.43
C ALA B 128 -14.99 10.27 9.95
N LEU B 129 -14.08 9.56 10.59
CA LEU B 129 -13.93 9.63 12.04
C LEU B 129 -13.44 11.01 12.50
N GLN B 130 -12.42 11.54 11.83
CA GLN B 130 -11.92 12.87 12.14
C GLN B 130 -12.96 13.96 11.84
N TYR B 131 -13.76 13.75 10.80
CA TYR B 131 -14.83 14.69 10.43
C TYR B 131 -15.79 14.89 11.60
N TRP B 132 -16.31 13.78 12.14
CA TRP B 132 -17.29 13.85 13.24
C TRP B 132 -16.71 14.31 14.55
N ARG B 133 -15.46 13.92 14.83
CA ARG B 133 -14.76 14.51 15.97
C ARG B 133 -14.69 16.02 15.81
N GLY B 134 -14.43 16.47 14.58
CA GLY B 134 -14.41 17.90 14.26
C GLY B 134 -15.76 18.59 14.46
N ARG B 135 -16.84 17.83 14.38
CA ARG B 135 -18.19 18.35 14.56
C ARG B 135 -18.64 18.24 16.03
N GLY B 136 -17.75 17.81 16.91
CA GLY B 136 -18.09 17.59 18.31
C GLY B 136 -18.98 16.38 18.56
N LEU B 137 -18.88 15.38 17.69
CA LEU B 137 -19.66 14.15 17.87
C LEU B 137 -18.77 12.90 17.79
N PRO B 138 -17.88 12.69 18.79
CA PRO B 138 -16.95 11.56 18.77
C PRO B 138 -17.61 10.18 18.90
N GLY B 139 -18.89 10.13 19.30
CA GLY B 139 -19.62 8.86 19.38
C GLY B 139 -19.83 8.25 18.00
N LYS B 140 -19.76 9.08 16.97
CA LYS B 140 -19.98 8.62 15.61
C LYS B 140 -18.68 8.05 15.06
N ARG B 141 -18.51 6.74 15.26
CA ARG B 141 -17.26 6.08 14.94
C ARG B 141 -17.45 4.70 14.34
N ARG B 142 -18.70 4.22 14.28
CA ARG B 142 -18.93 2.91 13.67
C ARG B 142 -19.21 3.05 12.18
N LEU B 143 -19.09 1.95 11.44
CA LEU B 143 -19.40 1.92 10.02
C LEU B 143 -20.59 1.02 9.77
N MET B 144 -21.36 1.37 8.76
CA MET B 144 -22.46 0.51 8.30
C MET B 144 -22.25 0.15 6.84
N THR B 145 -22.56 -1.10 6.53
CA THR B 145 -22.56 -1.53 5.15
C THR B 145 -23.65 -2.59 4.94
N TRP B 146 -23.81 -3.03 3.71
CA TRP B 146 -24.65 -4.18 3.43
C TRP B 146 -23.78 -5.37 3.20
N ARG B 147 -24.35 -6.57 3.32
CA ARG B 147 -23.59 -7.80 3.16
C ARG B 147 -23.17 -8.02 1.70
N GLY B 148 -22.21 -8.91 1.48
CA GLY B 148 -21.75 -9.24 0.13
C GLY B 148 -20.56 -8.43 -0.36
N GLY B 149 -20.06 -7.55 0.51
CA GLY B 149 -19.03 -6.59 0.13
C GLY B 149 -17.61 -7.05 0.32
N TYR B 150 -16.70 -6.37 -0.37
CA TYR B 150 -15.26 -6.53 -0.16
C TYR B 150 -14.64 -5.15 -0.24
N HIS B 151 -13.79 -4.82 0.74
CA HIS B 151 -13.16 -3.50 0.82
C HIS B 151 -11.67 -3.55 1.09
N GLY B 152 -11.09 -4.74 1.02
CA GLY B 152 -9.66 -4.87 1.25
C GLY B 152 -9.31 -5.68 2.48
N ASP B 153 -8.00 -5.78 2.73
CA ASP B 153 -7.43 -6.81 3.60
C ASP B 153 -6.81 -6.29 4.88
N THR B 154 -6.60 -4.98 4.98
CA THR B 154 -6.14 -4.39 6.23
C THR B 154 -7.26 -4.53 7.28
N PHE B 155 -6.91 -4.42 8.56
CA PHE B 155 -7.85 -4.82 9.63
C PHE B 155 -9.16 -4.01 9.70
N LEU B 156 -9.08 -2.70 9.45
N LEU B 156 -9.08 -2.70 9.49
CA LEU B 156 -10.27 -1.86 9.41
CA LEU B 156 -10.30 -1.89 9.42
C LEU B 156 -11.12 -2.09 8.15
C LEU B 156 -11.12 -2.27 8.18
N ALA B 157 -10.47 -2.33 7.01
CA ALA B 157 -11.14 -2.73 5.78
C ALA B 157 -11.82 -4.10 5.89
N MET B 158 -11.18 -5.04 6.58
CA MET B 158 -11.73 -6.36 6.83
C MET B 158 -13.04 -6.30 7.61
N SER B 159 -13.16 -5.32 8.50
CA SER B 159 -14.31 -5.22 9.39
C SER B 159 -15.61 -4.88 8.63
N ILE B 160 -15.49 -4.37 7.39
CA ILE B 160 -16.68 -4.13 6.56
C ILE B 160 -16.83 -5.09 5.37
N CYS B 161 -15.93 -6.06 5.28
N CYS B 161 -15.93 -6.08 5.31
CA CYS B 161 -16.06 -7.11 4.27
CA CYS B 161 -16.03 -7.19 4.36
C CYS B 161 -17.12 -8.11 4.76
C CYS B 161 -17.20 -8.07 4.78
N ASP B 162 -17.74 -8.81 3.83
CA ASP B 162 -18.80 -9.77 4.13
C ASP B 162 -18.33 -10.76 5.21
N PRO B 163 -19.10 -10.92 6.30
CA PRO B 163 -18.65 -11.81 7.38
C PRO B 163 -18.36 -13.26 6.94
N HIS B 164 -19.11 -13.79 5.97
CA HIS B 164 -18.87 -15.17 5.49
C HIS B 164 -17.72 -15.26 4.54
N GLY B 165 -17.73 -14.41 3.53
CA GLY B 165 -16.62 -14.31 2.59
C GLY B 165 -15.30 -14.10 3.31
N GLY B 166 -15.32 -13.21 4.29
CA GLY B 166 -14.09 -12.81 4.98
C GLY B 166 -13.67 -13.73 6.11
N MET B 167 -14.43 -14.82 6.32
CA MET B 167 -14.18 -15.76 7.41
C MET B 167 -13.95 -15.05 8.73
N HIS B 168 -14.86 -14.14 9.08
CA HIS B 168 -14.76 -13.41 10.33
C HIS B 168 -14.83 -14.35 11.50
N SER B 169 -15.31 -15.58 11.24
CA SER B 169 -15.31 -16.70 12.20
C SER B 169 -13.94 -16.97 12.77
N LEU B 170 -12.91 -16.76 11.95
CA LEU B 170 -11.52 -16.93 12.33
C LEU B 170 -10.95 -15.67 13.00
N TRP B 171 -11.78 -14.65 13.17
CA TRP B 171 -11.29 -13.36 13.68
C TRP B 171 -11.98 -12.91 14.94
N THR B 172 -12.83 -13.78 15.48
CA THR B 172 -13.55 -13.50 16.73
C THR B 172 -12.68 -12.72 17.72
N ASP B 173 -13.19 -11.56 18.13
CA ASP B 173 -12.59 -10.68 19.15
C ASP B 173 -11.53 -9.68 18.69
N VAL B 174 -11.10 -9.73 17.42
CA VAL B 174 -10.03 -8.83 16.95
C VAL B 174 -10.46 -7.67 16.03
N LEU B 175 -11.49 -7.93 15.21
CA LEU B 175 -12.04 -6.94 14.28
C LEU B 175 -13.01 -6.00 14.98
N ALA B 176 -13.08 -4.74 14.54
CA ALA B 176 -14.18 -3.87 14.95
C ALA B 176 -15.50 -4.52 14.53
N ALA B 177 -16.50 -4.43 15.39
CA ALA B 177 -17.84 -4.97 15.10
C ALA B 177 -18.66 -3.89 14.42
N GLN B 178 -18.94 -4.09 13.13
CA GLN B 178 -19.62 -3.05 12.37
C GLN B 178 -21.09 -3.41 12.18
N VAL B 179 -21.86 -2.48 11.61
CA VAL B 179 -23.30 -2.66 11.41
C VAL B 179 -23.54 -3.21 10.00
N PHE B 180 -24.13 -4.41 9.90
CA PHE B 180 -24.44 -4.99 8.60
C PHE B 180 -25.91 -5.07 8.31
N ALA B 181 -26.31 -4.51 7.16
CA ALA B 181 -27.64 -4.75 6.61
C ALA B 181 -27.61 -6.03 5.79
N PRO B 182 -28.78 -6.62 5.51
CA PRO B 182 -28.85 -7.82 4.66
C PRO B 182 -28.31 -7.54 3.25
N GLN B 183 -27.98 -8.63 2.54
CA GLN B 183 -27.50 -8.55 1.15
C GLN B 183 -28.43 -7.66 0.34
N VAL B 184 -27.86 -6.70 -0.39
CA VAL B 184 -28.67 -5.87 -1.26
C VAL B 184 -29.10 -6.70 -2.49
N PRO B 185 -30.41 -6.69 -2.82
CA PRO B 185 -30.90 -7.54 -3.92
C PRO B 185 -30.55 -6.97 -5.29
N ARG B 186 -30.65 -7.81 -6.32
CA ARG B 186 -30.45 -7.35 -7.69
C ARG B 186 -31.50 -6.32 -8.10
N ASP B 187 -32.77 -6.72 -7.99
CA ASP B 187 -33.88 -5.89 -8.44
C ASP B 187 -34.26 -4.90 -7.36
N TYR B 188 -34.67 -3.72 -7.80
CA TYR B 188 -35.03 -2.66 -6.87
C TYR B 188 -36.31 -2.96 -6.10
N ASP B 189 -36.20 -2.92 -4.78
CA ASP B 189 -37.32 -3.14 -3.88
C ASP B 189 -37.26 -2.08 -2.79
N PRO B 190 -38.21 -1.11 -2.83
CA PRO B 190 -38.25 -0.01 -1.85
C PRO B 190 -38.29 -0.50 -0.40
N ALA B 191 -38.77 -1.73 -0.17
CA ALA B 191 -38.83 -2.31 1.15
C ALA B 191 -37.43 -2.58 1.72
N TYR B 192 -36.50 -2.96 0.84
CA TYR B 192 -35.10 -3.10 1.25
C TYR B 192 -34.55 -1.76 1.76
N SER B 193 -34.73 -0.68 0.98
CA SER B 193 -34.22 0.62 1.38
C SER B 193 -34.88 1.14 2.65
N ALA B 194 -36.18 0.87 2.81
CA ALA B 194 -36.90 1.27 4.02
C ALA B 194 -36.37 0.54 5.26
N ALA B 195 -36.06 -0.75 5.12
CA ALA B 195 -35.48 -1.54 6.22
C ALA B 195 -34.06 -1.07 6.50
N PHE B 196 -33.30 -0.77 5.45
CA PHE B 196 -31.94 -0.24 5.62
C PHE B 196 -31.97 1.03 6.45
N GLU B 197 -32.86 1.96 6.10
CA GLU B 197 -33.04 3.23 6.80
C GLU B 197 -33.41 3.05 8.27
N ALA B 198 -34.34 2.13 8.54
CA ALA B 198 -34.78 1.85 9.92
C ALA B 198 -33.63 1.29 10.76
N GLN B 199 -32.81 0.43 10.17
CA GLN B 199 -31.64 -0.09 10.85
C GLN B 199 -30.60 1.02 11.08
N LEU B 200 -30.33 1.81 10.05
CA LEU B 200 -29.44 2.97 10.19
C LEU B 200 -29.93 3.95 11.28
N ALA B 201 -31.23 4.28 11.23
CA ALA B 201 -31.81 5.27 12.17
C ALA B 201 -31.54 4.92 13.63
N GLN B 202 -31.66 3.65 13.97
CA GLN B 202 -31.40 3.27 15.35
C GLN B 202 -29.92 3.31 15.74
N HIS B 203 -29.02 3.31 14.75
CA HIS B 203 -27.58 3.40 14.99
C HIS B 203 -26.99 4.75 14.62
N ALA B 204 -27.82 5.69 14.18
CA ALA B 204 -27.30 6.92 13.58
C ALA B 204 -26.31 7.65 14.50
N GLY B 205 -26.61 7.66 15.79
CA GLY B 205 -25.80 8.38 16.77
C GLY B 205 -24.42 7.79 16.99
N GLU B 206 -24.20 6.55 16.54
CA GLU B 206 -22.87 5.95 16.62
C GLU B 206 -22.21 5.68 15.26
N LEU B 207 -22.87 6.07 14.17
CA LEU B 207 -22.34 5.80 12.83
C LEU B 207 -21.63 7.00 12.24
N ALA B 208 -20.39 6.79 11.86
CA ALA B 208 -19.61 7.78 11.12
C ALA B 208 -20.00 7.77 9.65
N ALA B 209 -20.23 6.57 9.10
CA ALA B 209 -20.40 6.46 7.66
C ALA B 209 -21.08 5.17 7.23
N VAL B 210 -21.74 5.23 6.07
CA VAL B 210 -22.08 4.05 5.29
C VAL B 210 -21.03 3.87 4.21
N VAL B 211 -20.49 2.65 4.08
CA VAL B 211 -19.48 2.35 3.06
C VAL B 211 -20.01 1.20 2.20
N VAL B 212 -20.13 1.42 0.90
CA VAL B 212 -20.58 0.35 -0.02
C VAL B 212 -19.80 0.39 -1.33
N GLU B 213 -19.78 -0.73 -2.04
CA GLU B 213 -19.42 -0.75 -3.46
C GLU B 213 -20.67 -0.41 -4.27
N PRO B 214 -20.61 0.62 -5.14
CA PRO B 214 -21.78 1.03 -5.92
C PRO B 214 -22.05 0.16 -7.16
N VAL B 215 -23.28 -0.32 -7.30
CA VAL B 215 -23.74 -1.11 -8.48
C VAL B 215 -23.19 -2.54 -8.55
N VAL B 216 -21.87 -2.72 -8.43
CA VAL B 216 -21.24 -4.03 -8.54
C VAL B 216 -20.43 -4.35 -7.28
N GLN B 217 -20.74 -5.49 -6.67
CA GLN B 217 -19.94 -6.04 -5.58
C GLN B 217 -19.00 -7.07 -6.17
N GLY B 218 -17.70 -6.84 -6.06
CA GLY B 218 -16.71 -7.63 -6.78
C GLY B 218 -16.29 -8.92 -6.10
N ALA B 219 -15.24 -8.85 -5.31
CA ALA B 219 -14.63 -10.04 -4.72
C ALA B 219 -15.55 -10.79 -3.75
N GLY B 220 -16.56 -10.10 -3.23
CA GLY B 220 -17.61 -10.73 -2.39
C GLY B 220 -18.66 -11.55 -3.16
N GLY B 221 -18.61 -11.55 -4.49
CA GLY B 221 -19.49 -12.46 -5.25
C GLY B 221 -19.97 -12.01 -6.62
N MET B 222 -19.38 -10.95 -7.17
CA MET B 222 -19.73 -10.48 -8.52
C MET B 222 -21.24 -10.29 -8.65
N ARG B 223 -21.82 -9.64 -7.65
CA ARG B 223 -23.26 -9.34 -7.61
C ARG B 223 -23.54 -7.92 -8.08
N PHE B 224 -24.61 -7.77 -8.86
CA PHE B 224 -25.04 -6.46 -9.30
C PHE B 224 -26.31 -6.08 -8.54
N HIS B 225 -26.48 -4.79 -8.26
CA HIS B 225 -27.73 -4.29 -7.72
C HIS B 225 -28.18 -3.07 -8.47
N ASP B 226 -29.49 -2.82 -8.44
CA ASP B 226 -30.08 -1.66 -9.09
C ASP B 226 -29.48 -0.35 -8.58
N PRO B 227 -29.02 0.55 -9.49
CA PRO B 227 -28.46 1.85 -9.09
C PRO B 227 -29.37 2.66 -8.16
N ARG B 228 -30.68 2.44 -8.23
CA ARG B 228 -31.61 3.22 -7.40
C ARG B 228 -31.32 3.05 -5.90
N TYR B 229 -30.71 1.92 -5.52
CA TYR B 229 -30.32 1.70 -4.14
C TYR B 229 -29.39 2.79 -3.63
N LEU B 230 -28.49 3.23 -4.50
CA LEU B 230 -27.50 4.26 -4.17
C LEU B 230 -28.18 5.62 -4.03
N HIS B 231 -29.23 5.85 -4.83
CA HIS B 231 -30.02 7.05 -4.67
C HIS B 231 -30.64 7.07 -3.30
N ASP B 232 -31.17 5.94 -2.85
CA ASP B 232 -31.78 5.84 -1.52
C ASP B 232 -30.75 6.03 -0.38
N LEU B 233 -29.57 5.44 -0.53
CA LEU B 233 -28.51 5.58 0.47
C LEU B 233 -28.09 7.04 0.63
N ARG B 234 -27.99 7.76 -0.48
CA ARG B 234 -27.63 9.20 -0.43
C ARG B 234 -28.67 9.99 0.37
N ASP B 235 -29.94 9.64 0.13
CA ASP B 235 -31.07 10.28 0.79
C ASP B 235 -31.07 9.95 2.28
N ILE B 236 -30.98 8.67 2.62
CA ILE B 236 -30.90 8.21 4.00
C ILE B 236 -29.74 8.87 4.75
N CYS B 237 -28.56 8.89 4.13
CA CYS B 237 -27.37 9.46 4.78
C CYS B 237 -27.49 10.97 5.01
N ARG B 238 -28.04 11.68 4.01
CA ARG B 238 -28.33 13.11 4.12
C ARG B 238 -29.27 13.39 5.30
N ARG B 239 -30.39 12.66 5.35
CA ARG B 239 -31.40 12.91 6.37
C ARG B 239 -30.97 12.50 7.78
N TYR B 240 -30.20 11.43 7.90
CA TYR B 240 -29.75 10.99 9.23
C TYR B 240 -28.35 11.45 9.62
N GLU B 241 -27.75 12.31 8.80
CA GLU B 241 -26.42 12.87 9.07
C GLU B 241 -25.36 11.77 9.34
N VAL B 242 -25.18 10.94 8.33
CA VAL B 242 -24.16 9.89 8.34
C VAL B 242 -23.48 10.10 6.99
N LEU B 243 -22.15 10.07 6.96
CA LEU B 243 -21.42 10.26 5.69
C LEU B 243 -21.58 9.04 4.79
N LEU B 244 -21.58 9.28 3.48
CA LEU B 244 -21.68 8.18 2.51
C LEU B 244 -20.34 8.01 1.78
N ILE B 245 -19.81 6.79 1.82
CA ILE B 245 -18.53 6.46 1.21
C ILE B 245 -18.78 5.42 0.12
N PHE B 246 -18.44 5.76 -1.13
CA PHE B 246 -18.44 4.75 -2.18
C PHE B 246 -17.02 4.28 -2.41
N ASP B 247 -16.87 2.96 -2.36
CA ASP B 247 -15.63 2.31 -2.64
C ASP B 247 -15.69 1.93 -4.13
N GLU B 248 -15.11 2.76 -4.99
CA GLU B 248 -15.10 2.47 -6.44
C GLU B 248 -13.78 1.87 -6.91
N ILE B 249 -13.10 1.17 -6.02
CA ILE B 249 -11.79 0.61 -6.34
C ILE B 249 -11.86 -0.42 -7.49
N ALA B 250 -12.94 -1.21 -7.56
CA ALA B 250 -13.14 -2.14 -8.69
C ALA B 250 -13.97 -1.57 -9.84
N THR B 251 -14.93 -0.69 -9.50
CA THR B 251 -15.91 -0.20 -10.47
C THR B 251 -15.48 1.04 -11.26
N GLY B 252 -14.42 1.71 -10.85
CA GLY B 252 -14.06 2.99 -11.43
C GLY B 252 -13.57 2.90 -12.87
N PHE B 253 -13.49 4.05 -13.51
CA PHE B 253 -12.87 4.19 -14.84
C PHE B 253 -13.54 3.34 -15.93
N GLY B 254 -14.87 3.44 -15.98
CA GLY B 254 -15.65 2.92 -17.10
C GLY B 254 -16.12 1.48 -17.02
N ARG B 255 -15.64 0.74 -16.03
CA ARG B 255 -15.82 -0.71 -15.99
C ARG B 255 -17.29 -1.20 -15.99
N THR B 256 -18.18 -0.46 -15.34
CA THR B 256 -19.59 -0.85 -15.27
C THR B 256 -20.44 -0.18 -16.35
N GLY B 257 -19.78 0.57 -17.24
CA GLY B 257 -20.47 1.23 -18.35
C GLY B 257 -20.71 2.71 -18.12
N ALA B 258 -20.43 3.17 -16.92
CA ALA B 258 -20.40 4.58 -16.59
C ALA B 258 -18.96 4.86 -16.13
N LEU B 259 -18.54 6.12 -16.19
CA LEU B 259 -17.15 6.44 -15.85
C LEU B 259 -16.90 6.01 -14.40
N PHE B 260 -17.86 6.30 -13.53
CA PHE B 260 -17.87 5.72 -12.19
C PHE B 260 -19.28 5.21 -11.95
N ALA B 261 -19.38 4.09 -11.24
CA ALA B 261 -20.67 3.43 -11.05
C ALA B 261 -21.71 4.31 -10.34
N ALA B 262 -21.25 5.29 -9.56
CA ALA B 262 -22.15 6.27 -8.92
C ALA B 262 -22.94 7.04 -9.99
N ASP B 263 -22.32 7.23 -11.16
CA ASP B 263 -22.95 7.95 -12.27
C ASP B 263 -24.26 7.29 -12.73
N HIS B 264 -24.36 5.96 -12.66
CA HIS B 264 -25.62 5.24 -12.94
C HIS B 264 -26.76 5.72 -12.09
N ALA B 265 -26.46 6.12 -10.86
CA ALA B 265 -27.44 6.60 -9.90
C ALA B 265 -27.62 8.12 -9.93
N GLY B 266 -26.66 8.84 -10.50
CA GLY B 266 -26.66 10.30 -10.50
C GLY B 266 -26.45 10.89 -9.11
N VAL B 267 -25.65 10.20 -8.31
CA VAL B 267 -25.46 10.55 -6.91
C VAL B 267 -23.98 10.75 -6.57
N SER B 268 -23.70 11.63 -5.62
CA SER B 268 -22.36 11.88 -5.16
C SER B 268 -22.22 11.47 -3.71
N PRO B 269 -21.20 10.64 -3.39
CA PRO B 269 -20.85 10.28 -2.02
C PRO B 269 -20.07 11.44 -1.38
N ASP B 270 -19.88 11.37 -0.07
CA ASP B 270 -19.11 12.40 0.63
C ASP B 270 -17.63 12.12 0.49
N ILE B 271 -17.30 10.83 0.37
CA ILE B 271 -15.95 10.32 0.25
C ILE B 271 -15.96 9.18 -0.75
N MET B 272 -14.94 9.13 -1.59
CA MET B 272 -14.86 8.11 -2.63
C MET B 272 -13.45 7.54 -2.73
N CYS B 273 -13.36 6.22 -2.93
CA CYS B 273 -12.08 5.54 -3.12
C CYS B 273 -11.96 4.99 -4.53
N VAL B 274 -10.76 5.13 -5.10
CA VAL B 274 -10.43 4.53 -6.41
C VAL B 274 -9.06 3.85 -6.35
N GLY B 275 -8.82 2.89 -7.22
CA GLY B 275 -7.56 2.15 -7.15
C GLY B 275 -7.15 1.25 -8.30
N LYS B 276 -7.85 0.15 -8.48
CA LYS B 276 -7.33 -0.95 -9.30
C LYS B 276 -6.90 -0.53 -10.69
N ALA B 277 -7.78 0.17 -11.43
CA ALA B 277 -7.48 0.55 -12.80
C ALA B 277 -6.89 1.96 -12.95
N LEU B 278 -6.58 2.59 -11.83
CA LEU B 278 -6.10 3.99 -11.82
C LEU B 278 -4.85 4.20 -12.68
N THR B 279 -3.89 3.29 -12.59
CA THR B 279 -2.63 3.39 -13.35
C THR B 279 -2.66 2.58 -14.65
N GLY B 280 -3.85 2.08 -15.01
CA GLY B 280 -3.99 1.19 -16.17
C GLY B 280 -3.29 -0.14 -15.95
N GLY B 281 -3.14 -0.51 -14.69
CA GLY B 281 -2.55 -1.79 -14.32
C GLY B 281 -1.04 -1.86 -14.32
N TYR B 282 -0.37 -0.71 -14.34
CA TYR B 282 1.09 -0.70 -14.33
C TYR B 282 1.67 -0.82 -12.92
N LEU B 283 1.12 -0.04 -11.99
CA LEU B 283 1.74 0.19 -10.70
C LEU B 283 0.66 0.40 -9.64
N SER B 284 1.02 0.10 -8.40
CA SER B 284 0.10 0.29 -7.29
CA SER B 284 0.12 0.28 -7.27
C SER B 284 -0.07 1.78 -7.01
N LEU B 285 -1.32 2.22 -7.03
CA LEU B 285 -1.69 3.60 -6.68
C LEU B 285 -3.18 3.57 -6.35
N ALA B 286 -3.56 4.39 -5.38
CA ALA B 286 -4.96 4.57 -5.04
C ALA B 286 -5.18 6.02 -4.61
N ALA B 287 -6.45 6.42 -4.52
CA ALA B 287 -6.79 7.78 -4.12
C ALA B 287 -8.09 7.77 -3.37
N THR B 288 -8.17 8.62 -2.36
CA THR B 288 -9.38 8.83 -1.61
C THR B 288 -9.74 10.29 -1.80
N LEU B 289 -10.96 10.53 -2.28
CA LEU B 289 -11.44 11.89 -2.53
C LEU B 289 -12.52 12.22 -1.55
N CYS B 290 -12.59 13.49 -1.15
CA CYS B 290 -13.65 13.95 -0.26
C CYS B 290 -14.05 15.36 -0.60
N THR B 291 -15.25 15.72 -0.16
CA THR B 291 -15.82 17.05 -0.40
C THR B 291 -15.02 18.08 0.36
N ALA B 292 -15.20 19.34 -0.03
CA ALA B 292 -14.60 20.48 0.67
C ALA B 292 -15.10 20.56 2.12
N ASP B 293 -16.38 20.25 2.34
CA ASP B 293 -16.94 20.26 3.69
C ASP B 293 -16.18 19.29 4.59
N VAL B 294 -15.98 18.06 4.10
CA VAL B 294 -15.22 17.05 4.87
C VAL B 294 -13.79 17.56 5.14
N ALA B 295 -13.13 18.04 4.09
CA ALA B 295 -11.75 18.52 4.20
C ALA B 295 -11.59 19.68 5.18
N HIS B 296 -12.47 20.67 5.07
CA HIS B 296 -12.42 21.83 5.95
C HIS B 296 -12.72 21.48 7.39
N THR B 297 -13.65 20.55 7.60
CA THR B 297 -14.03 20.14 8.95
C THR B 297 -12.90 19.37 9.63
N ILE B 298 -12.25 18.49 8.88
CA ILE B 298 -11.08 17.78 9.40
C ILE B 298 -10.00 18.80 9.80
N SER B 299 -9.72 19.74 8.88
CA SER B 299 -8.62 20.70 9.06
C SER B 299 -8.85 21.68 10.21
N ALA B 300 -10.10 21.96 10.55
CA ALA B 300 -10.44 22.81 11.70
C ALA B 300 -10.56 21.99 13.01
N GLY B 301 -10.50 20.67 12.89
CA GLY B 301 -10.56 19.77 14.04
C GLY B 301 -9.34 19.86 14.95
N ALA B 302 -9.32 19.01 15.97
CA ALA B 302 -8.32 19.08 17.04
C ALA B 302 -6.93 18.74 16.56
N ALA B 303 -6.81 17.76 15.67
CA ALA B 303 -5.51 17.44 15.08
C ALA B 303 -5.05 18.52 14.11
N GLY B 304 -5.99 19.27 13.54
CA GLY B 304 -5.67 20.31 12.53
C GLY B 304 -5.14 19.75 11.20
N ALA B 305 -5.36 18.45 10.98
CA ALA B 305 -4.79 17.74 9.83
C ALA B 305 -5.34 16.32 9.76
N LEU B 306 -5.39 15.76 8.56
CA LEU B 306 -5.71 14.33 8.42
C LEU B 306 -4.45 13.56 8.81
N MET B 307 -4.60 12.71 9.82
CA MET B 307 -3.48 12.00 10.43
C MET B 307 -3.04 10.78 9.63
N HIS B 308 -2.56 11.02 8.41
CA HIS B 308 -2.13 9.94 7.52
C HIS B 308 -1.11 10.48 6.56
N GLY B 309 -0.16 9.64 6.15
CA GLY B 309 0.89 10.08 5.23
C GLY B 309 1.85 8.97 4.83
N PRO B 310 1.47 8.17 3.80
CA PRO B 310 2.31 7.05 3.38
C PRO B 310 3.61 7.51 2.70
N THR B 311 4.67 6.74 2.93
CA THR B 311 6.00 7.02 2.39
C THR B 311 5.95 7.44 0.93
N PHE B 312 5.27 6.63 0.10
CA PHE B 312 5.26 6.88 -1.33
C PHE B 312 4.10 7.72 -1.85
N MET B 313 3.45 8.45 -0.94
CA MET B 313 2.33 9.31 -1.28
C MET B 313 2.58 10.08 -2.57
N ALA B 314 1.66 9.95 -3.52
CA ALA B 314 1.68 10.72 -4.77
C ALA B 314 2.96 10.50 -5.59
N ASN B 315 3.51 9.29 -5.55
CA ASN B 315 4.70 8.92 -6.31
C ASN B 315 4.63 9.42 -7.77
N PRO B 316 5.63 10.23 -8.20
CA PRO B 316 5.61 10.78 -9.56
C PRO B 316 5.43 9.75 -10.68
N LEU B 317 6.09 8.60 -10.59
CA LEU B 317 6.01 7.58 -11.66
C LEU B 317 4.61 7.02 -11.77
N ALA B 318 4.03 6.61 -10.63
CA ALA B 318 2.66 6.09 -10.61
C ALA B 318 1.65 7.15 -11.06
N CYS B 319 1.82 8.38 -10.57
CA CYS B 319 0.92 9.48 -10.98
C CYS B 319 1.02 9.79 -12.48
N ALA B 320 2.23 9.71 -13.01
CA ALA B 320 2.46 10.01 -14.43
C ALA B 320 1.77 8.99 -15.35
N VAL B 321 1.89 7.70 -15.04
N VAL B 321 1.88 7.70 -15.05
CA VAL B 321 1.25 6.67 -15.85
CA VAL B 321 1.21 6.70 -15.88
C VAL B 321 -0.28 6.67 -15.69
C VAL B 321 -0.31 6.78 -15.72
N SER B 322 -0.76 7.08 -14.51
CA SER B 322 -2.19 7.24 -14.26
CA SER B 322 -2.19 7.23 -14.25
C SER B 322 -2.78 8.37 -15.09
N VAL B 323 -2.08 9.51 -15.14
CA VAL B 323 -2.51 10.65 -15.96
C VAL B 323 -2.66 10.18 -17.41
N ALA B 324 -1.68 9.43 -17.91
CA ALA B 324 -1.72 8.95 -19.29
C ALA B 324 -2.88 7.97 -19.48
N SER B 325 -3.07 7.08 -18.51
CA SER B 325 -4.17 6.10 -18.54
C SER B 325 -5.56 6.75 -18.55
N VAL B 326 -5.75 7.75 -17.68
CA VAL B 326 -7.03 8.43 -17.57
C VAL B 326 -7.30 9.25 -18.84
N GLU B 327 -6.28 9.96 -19.33
CA GLU B 327 -6.40 10.72 -20.57
C GLU B 327 -6.69 9.82 -21.78
N LEU B 328 -6.09 8.64 -21.80
CA LEU B 328 -6.31 7.66 -22.86
C LEU B 328 -7.75 7.20 -22.87
N LEU B 329 -8.32 6.97 -21.69
CA LEU B 329 -9.73 6.61 -21.54
C LEU B 329 -10.65 7.75 -21.96
N LEU B 330 -10.39 8.97 -21.47
CA LEU B 330 -11.22 10.14 -21.77
C LEU B 330 -11.12 10.64 -23.21
N GLY B 331 -10.00 10.37 -23.87
CA GLY B 331 -9.78 10.84 -25.25
C GLY B 331 -10.32 9.94 -26.34
N GLN B 332 -10.99 8.85 -25.96
CA GLN B 332 -11.66 7.96 -26.90
C GLN B 332 -13.15 7.88 -26.55
N ASP B 333 -13.95 7.24 -27.42
CA ASP B 333 -15.36 7.00 -27.10
C ASP B 333 -15.48 5.77 -26.19
N TRP B 334 -15.03 5.91 -24.95
CA TRP B 334 -15.04 4.81 -24.00
C TRP B 334 -16.42 4.24 -23.77
N ARG B 335 -17.44 5.12 -23.78
CA ARG B 335 -18.81 4.67 -23.52
C ARG B 335 -19.31 3.66 -24.56
N THR B 336 -19.03 3.93 -25.82
CA THR B 336 -19.36 2.99 -26.90
C THR B 336 -18.58 1.68 -26.78
N ARG B 337 -17.29 1.79 -26.45
CA ARG B 337 -16.44 0.62 -26.30
C ARG B 337 -17.00 -0.34 -25.26
N ILE B 338 -17.39 0.19 -24.10
CA ILE B 338 -17.92 -0.64 -23.01
C ILE B 338 -19.27 -1.25 -23.39
N THR B 339 -20.07 -0.48 -24.12
CA THR B 339 -21.35 -0.97 -24.63
C THR B 339 -21.15 -2.14 -25.59
N GLU B 340 -20.21 -2.02 -26.53
CA GLU B 340 -19.87 -3.11 -27.44
C GLU B 340 -19.39 -4.35 -26.68
N LEU B 341 -18.49 -4.14 -25.72
CA LEU B 341 -17.98 -5.23 -24.90
C LEU B 341 -19.09 -5.96 -24.15
N ALA B 342 -20.01 -5.20 -23.56
CA ALA B 342 -21.14 -5.76 -22.81
C ALA B 342 -22.04 -6.60 -23.72
N ALA B 343 -22.31 -6.05 -24.92
CA ALA B 343 -23.06 -6.77 -25.97
C ALA B 343 -22.35 -8.05 -26.35
N GLY B 344 -21.02 -7.97 -26.54
CA GLY B 344 -20.21 -9.15 -26.83
C GLY B 344 -20.28 -10.20 -25.74
N LEU B 345 -20.24 -9.75 -24.48
CA LEU B 345 -20.32 -10.66 -23.35
C LEU B 345 -21.69 -11.33 -23.27
N THR B 346 -22.75 -10.55 -23.48
CA THR B 346 -24.11 -11.04 -23.41
C THR B 346 -24.35 -12.12 -24.49
N ALA B 347 -24.00 -11.81 -25.73
CA ALA B 347 -24.17 -12.75 -26.84
C ALA B 347 -23.39 -14.05 -26.61
N GLY B 348 -22.12 -13.93 -26.20
CA GLY B 348 -21.26 -15.10 -26.01
C GLY B 348 -21.61 -15.99 -24.83
N LEU B 349 -22.20 -15.41 -23.78
CA LEU B 349 -22.54 -16.16 -22.57
C LEU B 349 -23.96 -16.74 -22.56
N ASP B 350 -24.75 -16.39 -23.58
CA ASP B 350 -26.17 -16.78 -23.60
C ASP B 350 -26.42 -18.28 -23.48
N THR B 351 -25.69 -19.08 -24.26
CA THR B 351 -25.88 -20.55 -24.24
C THR B 351 -25.63 -21.20 -22.87
N ALA B 352 -24.88 -20.52 -22.01
CA ALA B 352 -24.58 -21.04 -20.68
C ALA B 352 -25.81 -21.13 -19.79
N ARG B 353 -26.82 -20.30 -20.06
CA ARG B 353 -28.07 -20.31 -19.29
C ARG B 353 -28.70 -21.70 -19.24
N ALA B 354 -28.65 -22.40 -20.38
CA ALA B 354 -29.25 -23.73 -20.53
C ALA B 354 -28.49 -24.83 -19.81
N LEU B 355 -27.20 -24.59 -19.56
CA LEU B 355 -26.33 -25.59 -18.93
C LEU B 355 -26.81 -26.03 -17.53
N PRO B 356 -26.76 -27.35 -17.25
CA PRO B 356 -27.36 -27.95 -16.05
C PRO B 356 -26.89 -27.41 -14.71
N ALA B 357 -25.63 -26.97 -14.62
CA ALA B 357 -25.06 -26.50 -13.35
C ALA B 357 -25.12 -24.98 -13.18
N VAL B 358 -25.68 -24.29 -14.17
CA VAL B 358 -25.70 -22.83 -14.19
C VAL B 358 -26.99 -22.26 -13.58
N THR B 359 -26.84 -21.40 -12.58
CA THR B 359 -27.98 -20.77 -11.91
C THR B 359 -28.25 -19.36 -12.41
N ASP B 360 -27.21 -18.66 -12.88
CA ASP B 360 -27.38 -17.30 -13.41
C ASP B 360 -26.31 -16.93 -14.42
N VAL B 361 -26.69 -16.13 -15.41
CA VAL B 361 -25.76 -15.47 -16.31
C VAL B 361 -26.09 -13.98 -16.28
N ARG B 362 -25.10 -13.16 -15.97
CA ARG B 362 -25.34 -11.72 -15.85
C ARG B 362 -24.16 -10.90 -16.36
N VAL B 363 -24.46 -9.76 -16.96
CA VAL B 363 -23.47 -8.88 -17.54
C VAL B 363 -23.76 -7.45 -17.09
N CYS B 364 -22.71 -6.68 -16.81
CA CYS B 364 -22.84 -5.26 -16.48
C CYS B 364 -21.62 -4.54 -17.00
N GLY B 365 -21.78 -3.76 -18.07
CA GLY B 365 -20.63 -3.14 -18.73
C GLY B 365 -19.65 -4.22 -19.15
N ALA B 366 -18.35 -3.98 -18.92
CA ALA B 366 -17.32 -4.96 -19.31
C ALA B 366 -17.09 -6.00 -18.22
N ILE B 367 -18.19 -6.54 -17.70
CA ILE B 367 -18.18 -7.61 -16.70
C ILE B 367 -19.18 -8.71 -17.08
N GLY B 368 -18.72 -9.96 -17.11
CA GLY B 368 -19.59 -11.09 -17.46
C GLY B 368 -19.44 -12.20 -16.43
N VAL B 369 -20.56 -12.73 -15.96
CA VAL B 369 -20.56 -13.71 -14.88
C VAL B 369 -21.45 -14.91 -15.21
N ILE B 370 -20.91 -16.12 -15.02
CA ILE B 370 -21.71 -17.33 -14.98
C ILE B 370 -21.68 -17.83 -13.55
N GLU B 371 -22.84 -17.81 -12.89
CA GLU B 371 -22.93 -18.37 -11.54
C GLU B 371 -23.38 -19.82 -11.64
N CYS B 372 -22.60 -20.72 -11.04
CA CYS B 372 -22.91 -22.13 -11.03
C CYS B 372 -23.51 -22.53 -9.69
N ASP B 373 -24.05 -23.75 -9.64
CA ASP B 373 -24.72 -24.29 -8.45
C ASP B 373 -23.78 -25.04 -7.51
N ARG B 374 -22.49 -25.04 -7.82
CA ARG B 374 -21.48 -25.70 -7.01
C ARG B 374 -20.11 -25.03 -7.16
N PRO B 375 -19.17 -25.30 -6.23
CA PRO B 375 -17.81 -24.77 -6.39
C PRO B 375 -17.16 -25.22 -7.69
N VAL B 376 -16.46 -24.29 -8.35
CA VAL B 376 -15.74 -24.58 -9.59
C VAL B 376 -14.36 -25.09 -9.20
N ASP B 377 -14.00 -26.29 -9.66
CA ASP B 377 -12.70 -26.86 -9.37
C ASP B 377 -11.64 -26.18 -10.22
N LEU B 378 -10.77 -25.40 -9.57
CA LEU B 378 -9.66 -24.72 -10.26
C LEU B 378 -8.73 -25.68 -10.99
N ALA B 379 -8.54 -26.86 -10.42
CA ALA B 379 -7.68 -27.89 -11.02
C ALA B 379 -8.20 -28.33 -12.37
N VAL B 380 -9.51 -28.26 -12.57
CA VAL B 380 -10.12 -28.58 -13.85
C VAL B 380 -10.30 -27.33 -14.70
N ALA B 381 -10.93 -26.31 -14.12
CA ALA B 381 -11.30 -25.09 -14.86
C ALA B 381 -10.13 -24.36 -15.52
N THR B 382 -9.03 -24.18 -14.78
CA THR B 382 -7.93 -23.35 -15.28
C THR B 382 -7.16 -23.93 -16.47
N PRO B 383 -6.75 -25.22 -16.41
CA PRO B 383 -6.14 -25.79 -17.61
C PRO B 383 -7.12 -25.95 -18.77
N ALA B 384 -8.40 -26.11 -18.47
CA ALA B 384 -9.45 -26.16 -19.50
C ALA B 384 -9.48 -24.87 -20.31
N ALA B 385 -9.45 -23.73 -19.62
CA ALA B 385 -9.47 -22.44 -20.28
C ALA B 385 -8.16 -22.16 -20.99
N LEU B 386 -7.06 -22.59 -20.37
CA LEU B 386 -5.74 -22.45 -21.01
C LEU B 386 -5.68 -23.22 -22.32
N ASP B 387 -6.19 -24.46 -22.31
CA ASP B 387 -6.34 -25.27 -23.54
C ASP B 387 -7.02 -24.48 -24.66
N ARG B 388 -7.83 -23.49 -24.30
CA ARG B 388 -8.62 -22.71 -25.26
C ARG B 388 -8.09 -21.29 -25.50
N GLY B 389 -6.86 -21.01 -25.04
CA GLY B 389 -6.24 -19.71 -25.25
C GLY B 389 -6.78 -18.59 -24.38
N VAL B 390 -7.27 -18.94 -23.20
CA VAL B 390 -7.83 -17.94 -22.28
C VAL B 390 -7.32 -18.17 -20.86
N TRP B 391 -6.92 -17.07 -20.20
CA TRP B 391 -6.62 -17.07 -18.78
C TRP B 391 -7.85 -16.66 -18.01
N LEU B 392 -8.38 -17.59 -17.22
CA LEU B 392 -9.53 -17.37 -16.36
C LEU B 392 -9.23 -17.88 -14.96
N ARG B 393 -9.65 -17.14 -13.96
CA ARG B 393 -9.54 -17.58 -12.59
C ARG B 393 -10.91 -17.53 -11.93
N PRO B 394 -11.62 -18.67 -11.90
CA PRO B 394 -12.87 -18.71 -11.15
C PRO B 394 -12.61 -18.62 -9.65
N PHE B 395 -13.60 -18.17 -8.88
CA PHE B 395 -13.56 -18.36 -7.44
C PHE B 395 -14.93 -18.78 -6.97
N ARG B 396 -14.97 -19.58 -5.91
N ARG B 396 -14.97 -19.57 -5.91
CA ARG B 396 -16.20 -20.20 -5.44
CA ARG B 396 -16.22 -20.15 -5.42
C ARG B 396 -16.99 -20.77 -6.62
C ARG B 396 -16.99 -20.77 -6.59
N ASN B 397 -18.27 -20.41 -6.74
CA ASN B 397 -19.13 -20.95 -7.79
C ASN B 397 -19.24 -20.07 -9.05
N LEU B 398 -18.26 -19.18 -9.23
CA LEU B 398 -18.35 -18.14 -10.25
C LEU B 398 -17.28 -18.30 -11.32
N VAL B 399 -17.72 -18.33 -12.58
CA VAL B 399 -16.82 -18.24 -13.72
C VAL B 399 -17.08 -16.87 -14.33
N TYR B 400 -16.08 -16.00 -14.32
CA TYR B 400 -16.33 -14.61 -14.67
C TYR B 400 -15.18 -13.94 -15.40
N ALA B 401 -15.46 -12.82 -16.06
CA ALA B 401 -14.44 -12.07 -16.77
C ALA B 401 -14.64 -10.56 -16.67
N MET B 402 -13.52 -9.83 -16.59
CA MET B 402 -13.50 -8.38 -16.71
C MET B 402 -12.40 -8.10 -17.73
N PRO B 403 -12.72 -8.25 -19.03
CA PRO B 403 -11.69 -8.16 -20.07
C PRO B 403 -11.16 -6.74 -20.27
N PRO B 404 -9.92 -6.61 -20.78
CA PRO B 404 -9.39 -5.30 -21.17
C PRO B 404 -10.31 -4.63 -22.19
N TYR B 405 -10.39 -3.30 -22.14
CA TYR B 405 -11.30 -2.57 -23.03
C TYR B 405 -10.87 -2.69 -24.50
N ILE B 406 -9.62 -3.08 -24.71
CA ILE B 406 -9.06 -3.19 -26.06
C ILE B 406 -9.41 -4.51 -26.76
N CYS B 407 -10.15 -5.38 -26.09
CA CYS B 407 -10.48 -6.68 -26.67
C CYS B 407 -11.34 -6.50 -27.90
N THR B 408 -10.90 -7.09 -29.01
CA THR B 408 -11.69 -7.11 -30.24
C THR B 408 -12.88 -8.08 -30.09
N PRO B 409 -13.88 -7.98 -31.00
CA PRO B 409 -15.00 -8.93 -30.99
C PRO B 409 -14.58 -10.40 -31.02
N ALA B 410 -13.60 -10.73 -31.86
CA ALA B 410 -13.05 -12.07 -31.92
C ALA B 410 -12.50 -12.51 -30.56
N GLU B 411 -11.82 -11.59 -29.86
CA GLU B 411 -11.27 -11.93 -28.54
C GLU B 411 -12.36 -12.19 -27.48
N ILE B 412 -13.45 -11.41 -27.53
CA ILE B 412 -14.57 -11.62 -26.61
C ILE B 412 -15.25 -12.97 -26.87
N THR B 413 -15.44 -13.28 -28.15
CA THR B 413 -15.95 -14.59 -28.57
C THR B 413 -15.10 -15.71 -27.98
N GLN B 414 -13.78 -15.56 -28.05
CA GLN B 414 -12.86 -16.55 -27.51
C GLN B 414 -12.94 -16.66 -25.98
N ILE B 415 -13.03 -15.52 -25.29
CA ILE B 415 -13.17 -15.52 -23.82
C ILE B 415 -14.49 -16.18 -23.39
N THR B 416 -15.59 -15.72 -23.98
CA THR B 416 -16.92 -16.25 -23.65
C THR B 416 -17.05 -17.74 -23.97
N SER B 417 -16.50 -18.17 -25.11
CA SER B 417 -16.51 -19.58 -25.47
CA SER B 417 -16.50 -19.58 -25.47
C SER B 417 -15.84 -20.42 -24.39
N ALA B 418 -14.64 -20.00 -23.96
CA ALA B 418 -13.92 -20.69 -22.89
C ALA B 418 -14.69 -20.70 -21.57
N MET B 419 -15.32 -19.58 -21.23
CA MET B 419 -16.14 -19.50 -20.02
C MET B 419 -17.30 -20.50 -20.06
N VAL B 420 -17.99 -20.56 -21.19
CA VAL B 420 -19.12 -21.51 -21.41
C VAL B 420 -18.63 -22.94 -21.20
N GLU B 421 -17.48 -23.24 -21.80
CA GLU B 421 -16.87 -24.56 -21.68
C GLU B 421 -16.49 -24.95 -20.26
N VAL B 422 -15.99 -23.98 -19.49
CA VAL B 422 -15.69 -24.22 -18.07
C VAL B 422 -16.97 -24.56 -17.32
N ALA B 423 -18.04 -23.81 -17.60
CA ALA B 423 -19.34 -24.04 -16.97
C ALA B 423 -19.90 -25.42 -17.34
N ARG B 424 -19.73 -25.81 -18.61
CA ARG B 424 -20.09 -27.16 -19.06
C ARG B 424 -19.40 -28.25 -18.25
N LEU B 425 -18.09 -28.12 -18.07
CA LEU B 425 -17.31 -29.10 -17.30
C LEU B 425 -17.71 -29.15 -15.83
N VAL B 426 -18.18 -28.03 -15.28
CA VAL B 426 -18.68 -27.99 -13.91
C VAL B 426 -19.89 -28.93 -13.78
N GLY B 427 -20.73 -28.99 -14.81
CA GLY B 427 -21.91 -29.83 -14.80
C GLY B 427 -21.63 -31.32 -14.92
N SER B 428 -20.39 -31.67 -15.24
CA SER B 428 -20.00 -33.07 -15.43
C SER B 428 -19.74 -33.76 -14.08
#